data_8EPI
# 
_entry.id   8EPI 
# 
_audit_conform.dict_name       mmcif_pdbx.dic 
_audit_conform.dict_version    5.389 
_audit_conform.dict_location   http://mmcif.pdb.org/dictionaries/ascii/mmcif_pdbx.dic 
# 
loop_
_database_2.database_id 
_database_2.database_code 
_database_2.pdbx_database_accession 
_database_2.pdbx_DOI 
PDB   8EPI         pdb_00008epi 10.2210/pdb8epi/pdb 
WWPDB D_1000269171 ?            ?                   
# 
loop_
_pdbx_audit_revision_history.ordinal 
_pdbx_audit_revision_history.data_content_type 
_pdbx_audit_revision_history.major_revision 
_pdbx_audit_revision_history.minor_revision 
_pdbx_audit_revision_history.revision_date 
1 'Structure model' 1 0 2023-03-08 
2 'Structure model' 1 1 2023-03-15 
3 'Structure model' 1 2 2024-04-03 
# 
_pdbx_audit_revision_details.ordinal             1 
_pdbx_audit_revision_details.revision_ordinal    1 
_pdbx_audit_revision_details.data_content_type   'Structure model' 
_pdbx_audit_revision_details.provider            repository 
_pdbx_audit_revision_details.type                'Initial release' 
_pdbx_audit_revision_details.description         ? 
_pdbx_audit_revision_details.details             ? 
# 
loop_
_pdbx_audit_revision_group.ordinal 
_pdbx_audit_revision_group.revision_ordinal 
_pdbx_audit_revision_group.data_content_type 
_pdbx_audit_revision_group.group 
1 2 'Structure model' 'Database references'    
2 3 'Structure model' 'Data collection'        
3 3 'Structure model' 'Refinement description' 
# 
loop_
_pdbx_audit_revision_category.ordinal 
_pdbx_audit_revision_category.revision_ordinal 
_pdbx_audit_revision_category.data_content_type 
_pdbx_audit_revision_category.category 
1 2 'Structure model' citation                      
2 2 'Structure model' citation_author               
3 3 'Structure model' chem_comp_atom                
4 3 'Structure model' chem_comp_bond                
5 3 'Structure model' pdbx_initial_refinement_model 
# 
loop_
_pdbx_audit_revision_item.ordinal 
_pdbx_audit_revision_item.revision_ordinal 
_pdbx_audit_revision_item.data_content_type 
_pdbx_audit_revision_item.item 
1 2 'Structure model' '_citation.journal_volume'          
2 2 'Structure model' '_citation.page_first'              
3 2 'Structure model' '_citation.page_last'               
4 2 'Structure model' '_citation_author.identifier_ORCID' 
# 
_pdbx_database_status.status_code                     REL 
_pdbx_database_status.status_code_sf                  REL 
_pdbx_database_status.status_code_mr                  ? 
_pdbx_database_status.entry_id                        8EPI 
_pdbx_database_status.recvd_initial_deposition_date   2022-10-05 
_pdbx_database_status.SG_entry                        N 
_pdbx_database_status.deposit_site                    RCSB 
_pdbx_database_status.process_site                    RCSB 
_pdbx_database_status.status_code_cs                  ? 
_pdbx_database_status.status_code_nmr_data            ? 
_pdbx_database_status.methods_development_category    ? 
_pdbx_database_status.pdb_format_compatible           Y 
# 
_pdbx_contact_author.id                 2 
_pdbx_contact_author.email              mao@purdue.edu 
_pdbx_contact_author.name_first         Chengde 
_pdbx_contact_author.name_last          Mao 
_pdbx_contact_author.name_mi            ? 
_pdbx_contact_author.role               'principal investigator/group leader' 
_pdbx_contact_author.identifier_ORCID   0000-0001-7516-8666 
# 
loop_
_audit_author.name 
_audit_author.pdbx_ordinal 
_audit_author.identifier_ORCID 
'Zhang, C.'    1 0000-0003-3342-7003 
'Zhao, J.'     2 ?                   
'Lu, B.'       3 ?                   
'Sha, R.'      4 0000-0002-0807-734X 
'Seeman, N.C.' 5 0000-0002-9680-4649 
'Noinaj, N.'   6 ?                   
'Mao, C.'      7 0000-0001-7516-8666 
# 
_citation.abstract                  ? 
_citation.abstract_id_CAS           ? 
_citation.book_id_ISBN              ? 
_citation.book_publisher            ? 
_citation.book_publisher_city       ? 
_citation.book_title                ? 
_citation.coordinate_linkage        ? 
_citation.country                   US 
_citation.database_id_Medline       ? 
_citation.details                   ? 
_citation.id                        primary 
_citation.journal_abbrev            J.Am.Chem.Soc. 
_citation.journal_id_ASTM           JACSAT 
_citation.journal_id_CSD            ? 
_citation.journal_id_ISSN           1520-5126 
_citation.journal_full              ? 
_citation.journal_issue             ? 
_citation.journal_volume            145 
_citation.language                  ? 
_citation.page_first                4853 
_citation.page_last                 4859 
_citation.title                     'Engineering DNA Crystals toward Studying DNA-Guest Molecule Interactions.' 
_citation.year                      2023 
_citation.database_id_CSD           ? 
_citation.pdbx_database_id_DOI      10.1021/jacs.3c00081 
_citation.pdbx_database_id_PubMed   36791277 
_citation.pdbx_database_id_patent   ? 
_citation.unpublished_flag          ? 
# 
loop_
_citation_author.citation_id 
_citation_author.name 
_citation_author.ordinal 
_citation_author.identifier_ORCID 
primary 'Zhang, C.'    1 ? 
primary 'Zhao, J.'     2 ? 
primary 'Lu, B.'       3 ? 
primary 'Seeman, N.C.' 4 ? 
primary 'Sha, R.'      5 ? 
primary 'Noinaj, N.'   6 ? 
primary 'Mao, C.'      7 ? 
# 
loop_
_entity.id 
_entity.type 
_entity.src_method 
_entity.pdbx_description 
_entity.formula_weight 
_entity.pdbx_number_of_molecules 
_entity.pdbx_ec 
_entity.pdbx_mutation 
_entity.pdbx_fragment 
_entity.details 
1 polymer syn 
;DNA (5'-D(P*CP*GP*TP*GP*GP*A)-3')
;
1849.241 1 ? ? ? ? 
2 polymer syn 
;DNA (5'-D(*CP*GP*AP*CP*G)-3')
;
1505.025 1 ? ? ? ? 
3 polymer syn 
;DNA (5'-D(P*TP*CP*CP*TP*A)-3')
;
1454.999 1 ? ? ? ? 
# 
loop_
_entity_poly.entity_id 
_entity_poly.type 
_entity_poly.nstd_linkage 
_entity_poly.nstd_monomer 
_entity_poly.pdbx_seq_one_letter_code 
_entity_poly.pdbx_seq_one_letter_code_can 
_entity_poly.pdbx_strand_id 
_entity_poly.pdbx_target_identifier 
1 polydeoxyribonucleotide no no '(DC)(DG)(DT)(DG)(DG)(DA)' CGTGGA C ? 
2 polydeoxyribonucleotide no no '(DC)(DG)(DA)(DC)(DG)'     CGACG  A ? 
3 polydeoxyribonucleotide no no '(DT)(DC)(DC)(DT)(DA)'     TCCTA  B ? 
# 
loop_
_entity_poly_seq.entity_id 
_entity_poly_seq.num 
_entity_poly_seq.mon_id 
_entity_poly_seq.hetero 
1 1 DC n 
1 2 DG n 
1 3 DT n 
1 4 DG n 
1 5 DG n 
1 6 DA n 
2 1 DC n 
2 2 DG n 
2 3 DA n 
2 4 DC n 
2 5 DG n 
3 1 DT n 
3 2 DC n 
3 3 DC n 
3 4 DT n 
3 5 DA n 
# 
loop_
_pdbx_entity_src_syn.entity_id 
_pdbx_entity_src_syn.pdbx_src_id 
_pdbx_entity_src_syn.pdbx_alt_source_flag 
_pdbx_entity_src_syn.pdbx_beg_seq_num 
_pdbx_entity_src_syn.pdbx_end_seq_num 
_pdbx_entity_src_syn.organism_scientific 
_pdbx_entity_src_syn.organism_common_name 
_pdbx_entity_src_syn.ncbi_taxonomy_id 
_pdbx_entity_src_syn.details 
1 1 sample 1 6 'synthetic construct' ? 32630 ? 
2 1 sample 1 5 'synthetic construct' ? 32630 ? 
3 1 sample 1 5 'synthetic construct' ? 32630 ? 
# 
loop_
_chem_comp.id 
_chem_comp.type 
_chem_comp.mon_nstd_flag 
_chem_comp.name 
_chem_comp.pdbx_synonyms 
_chem_comp.formula 
_chem_comp.formula_weight 
DA 'DNA linking' y "2'-DEOXYADENOSINE-5'-MONOPHOSPHATE" ? 'C10 H14 N5 O6 P' 331.222 
DC 'DNA linking' y "2'-DEOXYCYTIDINE-5'-MONOPHOSPHATE"  ? 'C9 H14 N3 O7 P'  307.197 
DG 'DNA linking' y "2'-DEOXYGUANOSINE-5'-MONOPHOSPHATE" ? 'C10 H14 N5 O7 P' 347.221 
DT 'DNA linking' y "THYMIDINE-5'-MONOPHOSPHATE"         ? 'C10 H15 N2 O8 P' 322.208 
# 
loop_
_pdbx_poly_seq_scheme.asym_id 
_pdbx_poly_seq_scheme.entity_id 
_pdbx_poly_seq_scheme.seq_id 
_pdbx_poly_seq_scheme.mon_id 
_pdbx_poly_seq_scheme.ndb_seq_num 
_pdbx_poly_seq_scheme.pdb_seq_num 
_pdbx_poly_seq_scheme.auth_seq_num 
_pdbx_poly_seq_scheme.pdb_mon_id 
_pdbx_poly_seq_scheme.auth_mon_id 
_pdbx_poly_seq_scheme.pdb_strand_id 
_pdbx_poly_seq_scheme.pdb_ins_code 
_pdbx_poly_seq_scheme.hetero 
A 1 1 DC 1 1 1 DC DC C . n 
A 1 2 DG 2 2 2 DG DG C . n 
A 1 3 DT 3 3 3 DT DT C . n 
A 1 4 DG 4 4 4 DG DG C . n 
A 1 5 DG 5 5 5 DG DG C . n 
A 1 6 DA 6 6 6 DA DA C . n 
B 2 1 DC 1 1 1 DC DC A . n 
B 2 2 DG 2 2 2 DG DG A . n 
B 2 3 DA 3 3 3 DA DA A . n 
B 2 4 DC 4 4 4 DC DC A . n 
B 2 5 DG 5 5 5 DG DG A . n 
C 3 1 DT 1 1 1 DT DT B . n 
C 3 2 DC 2 2 2 DC DC B . n 
C 3 3 DC 3 3 3 DC DC B . n 
C 3 4 DT 4 4 4 DT DT B . n 
C 3 5 DA 5 5 5 DA DA B . n 
# 
loop_
_software.citation_id 
_software.classification 
_software.compiler_name 
_software.compiler_version 
_software.contact_author 
_software.contact_author_email 
_software.date 
_software.description 
_software.dependencies 
_software.hardware 
_software.language 
_software.location 
_software.mods 
_software.name 
_software.os 
_software.os_version 
_software.type 
_software.version 
_software.pdbx_ordinal 
? refinement       ? ? ? ? ? ? ? ? ? ? ? PHENIX    ? ? ? 1.20.1_4487 1 
? 'data reduction' ? ? ? ? ? ? ? ? ? ? ? autoPROC  ? ? ? .           2 
? 'data scaling'   ? ? ? ? ? ? ? ? ? ? ? STARANISO ? ? ? .           3 
? phasing          ? ? ? ? ? ? ? ? ? ? ? PHASER    ? ? ? .           4 
# 
_cell.angle_alpha                  90.000 
_cell.angle_alpha_esd              ? 
_cell.angle_beta                   90.000 
_cell.angle_beta_esd               ? 
_cell.angle_gamma                  90.000 
_cell.angle_gamma_esd              ? 
_cell.entry_id                     8EPI 
_cell.details                      ? 
_cell.formula_units_Z              ? 
_cell.length_a                     36.377 
_cell.length_a_esd                 ? 
_cell.length_b                     36.377 
_cell.length_b_esd                 ? 
_cell.length_c                     104.372 
_cell.length_c_esd                 ? 
_cell.volume                       138114.020 
_cell.volume_esd                   ? 
_cell.Z_PDB                        8 
_cell.reciprocal_angle_alpha       ? 
_cell.reciprocal_angle_beta        ? 
_cell.reciprocal_angle_gamma       ? 
_cell.reciprocal_angle_alpha_esd   ? 
_cell.reciprocal_angle_beta_esd    ? 
_cell.reciprocal_angle_gamma_esd   ? 
_cell.reciprocal_length_a          ? 
_cell.reciprocal_length_b          ? 
_cell.reciprocal_length_c          ? 
_cell.reciprocal_length_a_esd      ? 
_cell.reciprocal_length_b_esd      ? 
_cell.reciprocal_length_c_esd      ? 
_cell.pdbx_unique_axis             ? 
_cell.pdbx_esd_method              ? 
# 
_symmetry.entry_id                         8EPI 
_symmetry.cell_setting                     ? 
_symmetry.Int_Tables_number                95 
_symmetry.space_group_name_Hall            'P 4cw 2c' 
_symmetry.space_group_name_H-M             'P 43 2 2' 
_symmetry.pdbx_full_space_group_name_H-M   ? 
# 
_exptl.absorpt_coefficient_mu     ? 
_exptl.absorpt_correction_T_max   ? 
_exptl.absorpt_correction_T_min   ? 
_exptl.absorpt_correction_type    ? 
_exptl.absorpt_process_details    ? 
_exptl.entry_id                   8EPI 
_exptl.crystals_number            1 
_exptl.details                    ? 
_exptl.method                     'X-RAY DIFFRACTION' 
_exptl.method_details             ? 
# 
_exptl_crystal.colour                       ? 
_exptl_crystal.density_diffrn               ? 
_exptl_crystal.density_Matthews             3.59 
_exptl_crystal.density_method               ? 
_exptl_crystal.density_percent_sol          65.74 
_exptl_crystal.description                  ? 
_exptl_crystal.F_000                        ? 
_exptl_crystal.id                           1 
_exptl_crystal.preparation                  ? 
_exptl_crystal.size_max                     ? 
_exptl_crystal.size_mid                     ? 
_exptl_crystal.size_min                     ? 
_exptl_crystal.size_rad                     ? 
_exptl_crystal.colour_lustre                ? 
_exptl_crystal.colour_modifier              ? 
_exptl_crystal.colour_primary               ? 
_exptl_crystal.density_meas                 ? 
_exptl_crystal.density_meas_esd             ? 
_exptl_crystal.density_meas_gt              ? 
_exptl_crystal.density_meas_lt              ? 
_exptl_crystal.density_meas_temp            ? 
_exptl_crystal.density_meas_temp_esd        ? 
_exptl_crystal.density_meas_temp_gt         ? 
_exptl_crystal.density_meas_temp_lt         ? 
_exptl_crystal.pdbx_crystal_image_url       ? 
_exptl_crystal.pdbx_crystal_image_format    ? 
_exptl_crystal.pdbx_mosaicity               ? 
_exptl_crystal.pdbx_mosaicity_esd           ? 
_exptl_crystal.pdbx_mosaic_method           ? 
_exptl_crystal.pdbx_mosaic_block_size       ? 
_exptl_crystal.pdbx_mosaic_block_size_esd   ? 
# 
_exptl_crystal_grow.apparatus       ? 
_exptl_crystal_grow.atmosphere      ? 
_exptl_crystal_grow.crystal_id      1 
_exptl_crystal_grow.details         ? 
_exptl_crystal_grow.method          'VAPOR DIFFUSION, HANGING DROP' 
_exptl_crystal_grow.method_ref      ? 
_exptl_crystal_grow.pH              ? 
_exptl_crystal_grow.pressure        ? 
_exptl_crystal_grow.pressure_esd    ? 
_exptl_crystal_grow.seeding         ? 
_exptl_crystal_grow.seeding_ref     ? 
_exptl_crystal_grow.temp            295 
_exptl_crystal_grow.temp_details    ? 
_exptl_crystal_grow.temp_esd        ? 
_exptl_crystal_grow.time            ? 
_exptl_crystal_grow.pdbx_details    
;0.5 ug/uL motif
0.005 M magnesium sulfate hydrate, 0.005 M HEPES sodium pH 7.0, 0.16 M lithium sulfate monohydrate, 4 % MPD at pH 7.0
;
_exptl_crystal_grow.pdbx_pH_range   ? 
# 
_diffrn.ambient_environment              ? 
_diffrn.ambient_temp                     100 
_diffrn.ambient_temp_details             ? 
_diffrn.ambient_temp_esd                 ? 
_diffrn.crystal_id                       1 
_diffrn.crystal_support                  ? 
_diffrn.crystal_treatment                ? 
_diffrn.details                          ? 
_diffrn.id                               1 
_diffrn.ambient_pressure                 ? 
_diffrn.ambient_pressure_esd             ? 
_diffrn.ambient_pressure_gt              ? 
_diffrn.ambient_pressure_lt              ? 
_diffrn.ambient_temp_gt                  ? 
_diffrn.ambient_temp_lt                  ? 
_diffrn.pdbx_serial_crystal_experiment   N 
# 
_diffrn_detector.details                      ? 
_diffrn_detector.detector                     PIXEL 
_diffrn_detector.diffrn_id                    1 
_diffrn_detector.type                         'DECTRIS PILATUS3 6M' 
_diffrn_detector.area_resol_mean              ? 
_diffrn_detector.dtime                        ? 
_diffrn_detector.pdbx_frames_total            ? 
_diffrn_detector.pdbx_collection_time_total   ? 
_diffrn_detector.pdbx_collection_date         2022-07-21 
_diffrn_detector.pdbx_frequency               ? 
# 
_diffrn_radiation.collimation                      ? 
_diffrn_radiation.diffrn_id                        1 
_diffrn_radiation.filter_edge                      ? 
_diffrn_radiation.inhomogeneity                    ? 
_diffrn_radiation.monochromator                    ? 
_diffrn_radiation.polarisn_norm                    ? 
_diffrn_radiation.polarisn_ratio                   ? 
_diffrn_radiation.probe                            ? 
_diffrn_radiation.type                             ? 
_diffrn_radiation.xray_symbol                      ? 
_diffrn_radiation.wavelength_id                    1 
_diffrn_radiation.pdbx_monochromatic_or_laue_m_l   M 
_diffrn_radiation.pdbx_wavelength_list             ? 
_diffrn_radiation.pdbx_wavelength                  ? 
_diffrn_radiation.pdbx_diffrn_protocol             'SINGLE WAVELENGTH' 
_diffrn_radiation.pdbx_analyzer                    ? 
_diffrn_radiation.pdbx_scattering_type             x-ray 
# 
_diffrn_radiation_wavelength.id           1 
_diffrn_radiation_wavelength.wavelength   1.03 
_diffrn_radiation_wavelength.wt           1.0 
# 
_diffrn_source.current                     ? 
_diffrn_source.details                     ? 
_diffrn_source.diffrn_id                   1 
_diffrn_source.power                       ? 
_diffrn_source.size                        ? 
_diffrn_source.source                      SYNCHROTRON 
_diffrn_source.target                      ? 
_diffrn_source.type                        'APS BEAMLINE 23-ID-D' 
_diffrn_source.voltage                     ? 
_diffrn_source.take-off_angle              ? 
_diffrn_source.pdbx_wavelength_list        1.03 
_diffrn_source.pdbx_wavelength             ? 
_diffrn_source.pdbx_synchrotron_beamline   23-ID-D 
_diffrn_source.pdbx_synchrotron_site       APS 
# 
_reflns.B_iso_Wilson_estimate                          ? 
_reflns.entry_id                                       8EPI 
_reflns.data_reduction_details                         ? 
_reflns.data_reduction_method                          ? 
_reflns.d_resolution_high                              2.55 
_reflns.d_resolution_low                               36.38 
_reflns.details                                        ? 
_reflns.limit_h_max                                    ? 
_reflns.limit_h_min                                    ? 
_reflns.limit_k_max                                    ? 
_reflns.limit_k_min                                    ? 
_reflns.limit_l_max                                    ? 
_reflns.limit_l_min                                    ? 
_reflns.number_all                                     ? 
_reflns.number_obs                                     1308 
_reflns.observed_criterion                             ? 
_reflns.observed_criterion_F_max                       ? 
_reflns.observed_criterion_F_min                       ? 
_reflns.observed_criterion_I_max                       ? 
_reflns.observed_criterion_I_min                       ? 
_reflns.observed_criterion_sigma_F                     ? 
_reflns.observed_criterion_sigma_I                     ? 
_reflns.percent_possible_obs                           80.4 
_reflns.R_free_details                                 ? 
_reflns.Rmerge_F_all                                   ? 
_reflns.Rmerge_F_obs                                   ? 
_reflns.Friedel_coverage                               ? 
_reflns.number_gt                                      ? 
_reflns.threshold_expression                           ? 
_reflns.pdbx_redundancy                                10.8 
_reflns.pdbx_Rmerge_I_obs                              ? 
_reflns.pdbx_Rmerge_I_all                              ? 
_reflns.pdbx_Rsym_value                                ? 
_reflns.pdbx_netI_over_av_sigmaI                       ? 
_reflns.pdbx_netI_over_sigmaI                          12.2 
_reflns.pdbx_res_netI_over_av_sigmaI_2                 ? 
_reflns.pdbx_res_netI_over_sigmaI_2                    ? 
_reflns.pdbx_chi_squared                               ? 
_reflns.pdbx_scaling_rejects                           ? 
_reflns.pdbx_d_res_high_opt                            ? 
_reflns.pdbx_d_res_low_opt                             ? 
_reflns.pdbx_d_res_opt_method                          ? 
_reflns.phase_calculation_details                      ? 
_reflns.pdbx_Rrim_I_all                                ? 
_reflns.pdbx_Rpim_I_all                                ? 
_reflns.pdbx_d_opt                                     ? 
_reflns.pdbx_number_measured_all                       ? 
_reflns.pdbx_diffrn_id                                 1 
_reflns.pdbx_ordinal                                   1 
_reflns.pdbx_CC_half                                   1.00 
_reflns.pdbx_CC_star                                   ? 
_reflns.pdbx_R_split                                   ? 
_reflns.pdbx_aniso_diffraction_limit_axis_1_ortho[1]   ? 
_reflns.pdbx_aniso_diffraction_limit_axis_1_ortho[2]   ? 
_reflns.pdbx_aniso_diffraction_limit_axis_1_ortho[3]   ? 
_reflns.pdbx_aniso_diffraction_limit_axis_2_ortho[1]   ? 
_reflns.pdbx_aniso_diffraction_limit_axis_2_ortho[2]   ? 
_reflns.pdbx_aniso_diffraction_limit_axis_2_ortho[3]   ? 
_reflns.pdbx_aniso_diffraction_limit_axis_3_ortho[1]   ? 
_reflns.pdbx_aniso_diffraction_limit_axis_3_ortho[2]   ? 
_reflns.pdbx_aniso_diffraction_limit_axis_3_ortho[3]   ? 
_reflns.pdbx_aniso_diffraction_limit_1                 ? 
_reflns.pdbx_aniso_diffraction_limit_2                 ? 
_reflns.pdbx_aniso_diffraction_limit_3                 ? 
_reflns.pdbx_aniso_B_tensor_eigenvector_1_ortho[1]     ? 
_reflns.pdbx_aniso_B_tensor_eigenvector_1_ortho[2]     ? 
_reflns.pdbx_aniso_B_tensor_eigenvector_1_ortho[3]     ? 
_reflns.pdbx_aniso_B_tensor_eigenvector_2_ortho[1]     ? 
_reflns.pdbx_aniso_B_tensor_eigenvector_2_ortho[2]     ? 
_reflns.pdbx_aniso_B_tensor_eigenvector_2_ortho[3]     ? 
_reflns.pdbx_aniso_B_tensor_eigenvector_3_ortho[1]     ? 
_reflns.pdbx_aniso_B_tensor_eigenvector_3_ortho[2]     ? 
_reflns.pdbx_aniso_B_tensor_eigenvector_3_ortho[3]     ? 
_reflns.pdbx_aniso_B_tensor_eigenvalue_1               ? 
_reflns.pdbx_aniso_B_tensor_eigenvalue_2               ? 
_reflns.pdbx_aniso_B_tensor_eigenvalue_3               ? 
_reflns.pdbx_orthogonalization_convention              ? 
_reflns.pdbx_percent_possible_ellipsoidal              ? 
_reflns.pdbx_percent_possible_spherical                ? 
_reflns.pdbx_percent_possible_ellipsoidal_anomalous    ? 
_reflns.pdbx_percent_possible_spherical_anomalous      ? 
_reflns.pdbx_redundancy_anomalous                      ? 
_reflns.pdbx_CC_half_anomalous                         ? 
_reflns.pdbx_absDiff_over_sigma_anomalous              ? 
_reflns.pdbx_percent_possible_anomalous                ? 
_reflns.pdbx_observed_signal_threshold                 ? 
_reflns.pdbx_signal_type                               ? 
_reflns.pdbx_signal_details                            ? 
_reflns.pdbx_signal_software_id                        ? 
_reflns.pdbx_CC_split_method                           ? 
# 
_reflns_shell.d_res_high                                    2.555 
_reflns_shell.d_res_low                                     3.117 
_reflns_shell.meanI_over_sigI_all                           ? 
_reflns_shell.meanI_over_sigI_obs                           ? 
_reflns_shell.number_measured_all                           ? 
_reflns_shell.number_measured_obs                           ? 
_reflns_shell.number_possible                               ? 
_reflns_shell.number_unique_all                             ? 
_reflns_shell.number_unique_obs                             188 
_reflns_shell.percent_possible_all                          ? 
_reflns_shell.percent_possible_obs                          ? 
_reflns_shell.Rmerge_F_all                                  ? 
_reflns_shell.Rmerge_F_obs                                  ? 
_reflns_shell.Rmerge_I_all                                  ? 
_reflns_shell.Rmerge_I_obs                                  ? 
_reflns_shell.meanI_over_sigI_gt                            ? 
_reflns_shell.meanI_over_uI_all                             ? 
_reflns_shell.meanI_over_uI_gt                              ? 
_reflns_shell.number_measured_gt                            ? 
_reflns_shell.number_unique_gt                              ? 
_reflns_shell.percent_possible_gt                           ? 
_reflns_shell.Rmerge_F_gt                                   ? 
_reflns_shell.Rmerge_I_gt                                   ? 
_reflns_shell.pdbx_redundancy                               10.1 
_reflns_shell.pdbx_Rsym_value                               ? 
_reflns_shell.pdbx_chi_squared                              ? 
_reflns_shell.pdbx_netI_over_sigmaI_all                     ? 
_reflns_shell.pdbx_netI_over_sigmaI_obs                     ? 
_reflns_shell.pdbx_Rrim_I_all                               ? 
_reflns_shell.pdbx_Rpim_I_all                               ? 
_reflns_shell.pdbx_rejects                                  ? 
_reflns_shell.pdbx_ordinal                                  1 
_reflns_shell.pdbx_diffrn_id                                1 
_reflns_shell.pdbx_CC_half                                  0.90 
_reflns_shell.pdbx_CC_star                                  ? 
_reflns_shell.pdbx_R_split                                  ? 
_reflns_shell.pdbx_percent_possible_ellipsoidal             ? 
_reflns_shell.pdbx_percent_possible_spherical               ? 
_reflns_shell.pdbx_percent_possible_ellipsoidal_anomalous   ? 
_reflns_shell.pdbx_percent_possible_spherical_anomalous     ? 
_reflns_shell.pdbx_redundancy_anomalous                     ? 
_reflns_shell.pdbx_CC_half_anomalous                        ? 
_reflns_shell.pdbx_absDiff_over_sigma_anomalous             ? 
_reflns_shell.pdbx_percent_possible_anomalous               ? 
# 
_refine.aniso_B[1][1]                            ? 
_refine.aniso_B[1][2]                            ? 
_refine.aniso_B[1][3]                            ? 
_refine.aniso_B[2][2]                            ? 
_refine.aniso_B[2][3]                            ? 
_refine.aniso_B[3][3]                            ? 
_refine.B_iso_max                                ? 
_refine.B_iso_mean                               65.76 
_refine.B_iso_min                                ? 
_refine.correlation_coeff_Fo_to_Fc               ? 
_refine.correlation_coeff_Fo_to_Fc_free          ? 
_refine.details                                  ? 
_refine.diff_density_max                         ? 
_refine.diff_density_max_esd                     ? 
_refine.diff_density_min                         ? 
_refine.diff_density_min_esd                     ? 
_refine.diff_density_rms                         ? 
_refine.diff_density_rms_esd                     ? 
_refine.entry_id                                 8EPI 
_refine.pdbx_refine_id                           'X-RAY DIFFRACTION' 
_refine.ls_abs_structure_details                 ? 
_refine.ls_abs_structure_Flack                   ? 
_refine.ls_abs_structure_Flack_esd               ? 
_refine.ls_abs_structure_Rogers                  ? 
_refine.ls_abs_structure_Rogers_esd              ? 
_refine.ls_d_res_high                            2.55 
_refine.ls_d_res_low                             36.38 
_refine.ls_extinction_coef                       ? 
_refine.ls_extinction_coef_esd                   ? 
_refine.ls_extinction_expression                 ? 
_refine.ls_extinction_method                     ? 
_refine.ls_goodness_of_fit_all                   ? 
_refine.ls_goodness_of_fit_all_esd               ? 
_refine.ls_goodness_of_fit_obs                   ? 
_refine.ls_goodness_of_fit_obs_esd               ? 
_refine.ls_hydrogen_treatment                    ? 
_refine.ls_matrix_type                           ? 
_refine.ls_number_constraints                    ? 
_refine.ls_number_parameters                     ? 
_refine.ls_number_reflns_all                     ? 
_refine.ls_number_reflns_obs                     1306 
_refine.ls_number_reflns_R_free                  63 
_refine.ls_number_reflns_R_work                  1243 
_refine.ls_number_restraints                     ? 
_refine.ls_percent_reflns_obs                    50.42 
_refine.ls_percent_reflns_R_free                 4.82 
_refine.ls_R_factor_all                          ? 
_refine.ls_R_factor_obs                          0.2511 
_refine.ls_R_factor_R_free                       0.2911 
_refine.ls_R_factor_R_free_error                 ? 
_refine.ls_R_factor_R_free_error_details         ? 
_refine.ls_R_factor_R_work                       0.2490 
_refine.ls_R_Fsqd_factor_obs                     ? 
_refine.ls_R_I_factor_obs                        ? 
_refine.ls_redundancy_reflns_all                 ? 
_refine.ls_redundancy_reflns_obs                 ? 
_refine.ls_restrained_S_all                      ? 
_refine.ls_restrained_S_obs                      ? 
_refine.ls_shift_over_esd_max                    ? 
_refine.ls_shift_over_esd_mean                   ? 
_refine.ls_structure_factor_coef                 ? 
_refine.ls_weighting_details                     ? 
_refine.ls_weighting_scheme                      ? 
_refine.ls_wR_factor_all                         ? 
_refine.ls_wR_factor_obs                         ? 
_refine.ls_wR_factor_R_free                      ? 
_refine.ls_wR_factor_R_work                      ? 
_refine.occupancy_max                            ? 
_refine.occupancy_min                            ? 
_refine.solvent_model_details                    'FLAT BULK SOLVENT MODEL' 
_refine.solvent_model_param_bsol                 ? 
_refine.solvent_model_param_ksol                 ? 
_refine.pdbx_R_complete                          ? 
_refine.ls_R_factor_gt                           ? 
_refine.ls_goodness_of_fit_gt                    ? 
_refine.ls_goodness_of_fit_ref                   ? 
_refine.ls_shift_over_su_max                     ? 
_refine.ls_shift_over_su_max_lt                  ? 
_refine.ls_shift_over_su_mean                    ? 
_refine.ls_shift_over_su_mean_lt                 ? 
_refine.pdbx_ls_sigma_I                          ? 
_refine.pdbx_ls_sigma_F                          1.32 
_refine.pdbx_ls_sigma_Fsqd                       ? 
_refine.pdbx_data_cutoff_high_absF               ? 
_refine.pdbx_data_cutoff_high_rms_absF           ? 
_refine.pdbx_data_cutoff_low_absF                ? 
_refine.pdbx_isotropic_thermal_model             ? 
_refine.pdbx_ls_cross_valid_method               'FREE R-VALUE' 
_refine.pdbx_method_to_determine_struct          'MOLECULAR REPLACEMENT' 
_refine.pdbx_starting_model                      'ideal B type DNA duplexes generated in Cadnano' 
_refine.pdbx_stereochemistry_target_values       'GeoStd + Monomer Library + CDL v1.2' 
_refine.pdbx_R_Free_selection_details            ? 
_refine.pdbx_stereochem_target_val_spec_case     ? 
_refine.pdbx_overall_ESU_R                       ? 
_refine.pdbx_overall_ESU_R_Free                  ? 
_refine.pdbx_solvent_vdw_probe_radii             1.1000 
_refine.pdbx_solvent_ion_probe_radii             ? 
_refine.pdbx_solvent_shrinkage_radii             0.9000 
_refine.pdbx_real_space_R                        ? 
_refine.pdbx_density_correlation                 ? 
_refine.pdbx_pd_number_of_powder_patterns        ? 
_refine.pdbx_pd_number_of_points                 ? 
_refine.pdbx_pd_meas_number_of_points            ? 
_refine.pdbx_pd_proc_ls_prof_R_factor            ? 
_refine.pdbx_pd_proc_ls_prof_wR_factor           ? 
_refine.pdbx_pd_Marquardt_correlation_coeff      ? 
_refine.pdbx_pd_Fsqrd_R_factor                   ? 
_refine.pdbx_pd_ls_matrix_band_width             ? 
_refine.pdbx_overall_phase_error                 28.7215 
_refine.pdbx_overall_SU_R_free_Cruickshank_DPI   ? 
_refine.pdbx_overall_SU_R_free_Blow_DPI          ? 
_refine.pdbx_overall_SU_R_Blow_DPI               ? 
_refine.pdbx_TLS_residual_ADP_flag               ? 
_refine.pdbx_diffrn_id                           1 
_refine.overall_SU_B                             ? 
_refine.overall_SU_ML                            0.2236 
_refine.overall_SU_R_Cruickshank_DPI             ? 
_refine.overall_SU_R_free                        ? 
_refine.overall_FOM_free_R_set                   ? 
_refine.overall_FOM_work_R_set                   ? 
_refine.pdbx_average_fsc_overall                 ? 
_refine.pdbx_average_fsc_work                    ? 
_refine.pdbx_average_fsc_free                    ? 
# 
_refine_hist.pdbx_refine_id                   'X-RAY DIFFRACTION' 
_refine_hist.cycle_id                         LAST 
_refine_hist.details                          ? 
_refine_hist.d_res_high                       2.55 
_refine_hist.d_res_low                        36.38 
_refine_hist.number_atoms_solvent             0 
_refine_hist.number_atoms_total               325 
_refine_hist.number_reflns_all                ? 
_refine_hist.number_reflns_obs                ? 
_refine_hist.number_reflns_R_free             ? 
_refine_hist.number_reflns_R_work             ? 
_refine_hist.R_factor_all                     ? 
_refine_hist.R_factor_obs                     ? 
_refine_hist.R_factor_R_free                  ? 
_refine_hist.R_factor_R_work                  ? 
_refine_hist.pdbx_number_residues_total       ? 
_refine_hist.pdbx_B_iso_mean_ligand           ? 
_refine_hist.pdbx_B_iso_mean_solvent          ? 
_refine_hist.pdbx_number_atoms_protein        0 
_refine_hist.pdbx_number_atoms_nucleic_acid   325 
_refine_hist.pdbx_number_atoms_ligand         0 
_refine_hist.pdbx_number_atoms_lipid          ? 
_refine_hist.pdbx_number_atoms_carb           ? 
_refine_hist.pdbx_pseudo_atom_details         ? 
# 
loop_
_refine_ls_restr.pdbx_refine_id 
_refine_ls_restr.criterion 
_refine_ls_restr.dev_ideal 
_refine_ls_restr.dev_ideal_target 
_refine_ls_restr.number 
_refine_ls_restr.rejects 
_refine_ls_restr.type 
_refine_ls_restr.weight 
_refine_ls_restr.pdbx_restraint_function 
'X-RAY DIFFRACTION' ? 0.0119  ? 362 ? f_bond_d           ? ? 
'X-RAY DIFFRACTION' ? 1.5000  ? 552 ? f_angle_d          ? ? 
'X-RAY DIFFRACTION' ? 0.0755  ? 63  ? f_chiral_restr     ? ? 
'X-RAY DIFFRACTION' ? 0.0078  ? 16  ? f_plane_restr      ? ? 
'X-RAY DIFFRACTION' ? 39.7039 ? 150 ? f_dihedral_angle_d ? ? 
# 
_refine_ls_shell.pdbx_refine_id                   'X-RAY DIFFRACTION' 
_refine_ls_shell.d_res_high                       2.55 
_refine_ls_shell.d_res_low                        36.38 
_refine_ls_shell.number_reflns_all                ? 
_refine_ls_shell.number_reflns_obs                ? 
_refine_ls_shell.number_reflns_R_free             63 
_refine_ls_shell.number_reflns_R_work             1243 
_refine_ls_shell.percent_reflns_obs               50.42 
_refine_ls_shell.percent_reflns_R_free            ? 
_refine_ls_shell.R_factor_all                     ? 
_refine_ls_shell.R_factor_obs                     ? 
_refine_ls_shell.R_factor_R_free                  0.2911 
_refine_ls_shell.R_factor_R_free_error            ? 
_refine_ls_shell.R_factor_R_work                  0.2490 
_refine_ls_shell.redundancy_reflns_all            ? 
_refine_ls_shell.redundancy_reflns_obs            ? 
_refine_ls_shell.wR_factor_all                    ? 
_refine_ls_shell.wR_factor_obs                    ? 
_refine_ls_shell.wR_factor_R_free                 ? 
_refine_ls_shell.wR_factor_R_work                 ? 
_refine_ls_shell.pdbx_R_complete                  ? 
_refine_ls_shell.pdbx_total_number_of_bins_used   ? 
_refine_ls_shell.pdbx_phase_error                 ? 
_refine_ls_shell.pdbx_fsc_work                    ? 
_refine_ls_shell.pdbx_fsc_free                    ? 
# 
_struct.entry_id                     8EPI 
_struct.title                        'Engineering Crystals with Tunable Symmetries from 14- or 16-Base-Long DNA Strands' 
_struct.pdbx_model_details           ? 
_struct.pdbx_formula_weight          ? 
_struct.pdbx_formula_weight_method   ? 
_struct.pdbx_model_type_details      ? 
_struct.pdbx_CASP_flag               N 
# 
_struct_keywords.entry_id        8EPI 
_struct_keywords.text            'DNA, Four-Fold Rotational Axis, Left-Handed, Parallel' 
_struct_keywords.pdbx_keywords   DNA 
# 
loop_
_struct_asym.id 
_struct_asym.pdbx_blank_PDB_chainid_flag 
_struct_asym.pdbx_modified 
_struct_asym.entity_id 
_struct_asym.details 
A N N 1 ? 
B N N 2 ? 
C N N 3 ? 
# 
loop_
_struct_ref.id 
_struct_ref.db_name 
_struct_ref.db_code 
_struct_ref.pdbx_db_accession 
_struct_ref.pdbx_db_isoform 
_struct_ref.entity_id 
_struct_ref.pdbx_seq_one_letter_code 
_struct_ref.pdbx_align_begin 
1 PDB 8EPI 8EPI ? 1 ? 1 
2 PDB 8EPI 8EPI ? 2 ? 1 
3 PDB 8EPI 8EPI ? 3 ? 1 
# 
loop_
_struct_ref_seq.align_id 
_struct_ref_seq.ref_id 
_struct_ref_seq.pdbx_PDB_id_code 
_struct_ref_seq.pdbx_strand_id 
_struct_ref_seq.seq_align_beg 
_struct_ref_seq.pdbx_seq_align_beg_ins_code 
_struct_ref_seq.seq_align_end 
_struct_ref_seq.pdbx_seq_align_end_ins_code 
_struct_ref_seq.pdbx_db_accession 
_struct_ref_seq.db_align_beg 
_struct_ref_seq.pdbx_db_align_beg_ins_code 
_struct_ref_seq.db_align_end 
_struct_ref_seq.pdbx_db_align_end_ins_code 
_struct_ref_seq.pdbx_auth_seq_align_beg 
_struct_ref_seq.pdbx_auth_seq_align_end 
1 1 8EPI C 1 ? 6 ? 8EPI 1 ? 6 ? 1 6 
2 2 8EPI A 1 ? 5 ? 8EPI 1 ? 5 ? 1 5 
3 3 8EPI B 1 ? 5 ? 8EPI 1 ? 5 ? 1 5 
# 
_pdbx_struct_assembly.id                   1 
_pdbx_struct_assembly.details              author_and_software_defined_assembly 
_pdbx_struct_assembly.method_details       PISA 
_pdbx_struct_assembly.oligomeric_details   trimeric 
_pdbx_struct_assembly.oligomeric_count     3 
# 
loop_
_pdbx_struct_assembly_prop.biol_id 
_pdbx_struct_assembly_prop.type 
_pdbx_struct_assembly_prop.value 
_pdbx_struct_assembly_prop.details 
1 'ABSA (A^2)' 620  ? 
1 MORE         -5   ? 
1 'SSA (A^2)'  3600 ? 
# 
_pdbx_struct_assembly_gen.assembly_id       1 
_pdbx_struct_assembly_gen.oper_expression   1 
_pdbx_struct_assembly_gen.asym_id_list      A,B,C 
# 
_pdbx_struct_oper_list.id                   1 
_pdbx_struct_oper_list.type                 'identity operation' 
_pdbx_struct_oper_list.name                 1_555 
_pdbx_struct_oper_list.symmetry_operation   x,y,z 
_pdbx_struct_oper_list.matrix[1][1]         1.0000000000 
_pdbx_struct_oper_list.matrix[1][2]         0.0000000000 
_pdbx_struct_oper_list.matrix[1][3]         0.0000000000 
_pdbx_struct_oper_list.vector[1]            0.0000000000 
_pdbx_struct_oper_list.matrix[2][1]         0.0000000000 
_pdbx_struct_oper_list.matrix[2][2]         1.0000000000 
_pdbx_struct_oper_list.matrix[2][3]         0.0000000000 
_pdbx_struct_oper_list.vector[2]            0.0000000000 
_pdbx_struct_oper_list.matrix[3][1]         0.0000000000 
_pdbx_struct_oper_list.matrix[3][2]         0.0000000000 
_pdbx_struct_oper_list.matrix[3][3]         1.0000000000 
_pdbx_struct_oper_list.vector[3]            0.0000000000 
# 
loop_
_struct_conn.id 
_struct_conn.conn_type_id 
_struct_conn.pdbx_leaving_atom_flag 
_struct_conn.pdbx_PDB_id 
_struct_conn.ptnr1_label_asym_id 
_struct_conn.ptnr1_label_comp_id 
_struct_conn.ptnr1_label_seq_id 
_struct_conn.ptnr1_label_atom_id 
_struct_conn.pdbx_ptnr1_label_alt_id 
_struct_conn.pdbx_ptnr1_PDB_ins_code 
_struct_conn.pdbx_ptnr1_standard_comp_id 
_struct_conn.ptnr1_symmetry 
_struct_conn.ptnr2_label_asym_id 
_struct_conn.ptnr2_label_comp_id 
_struct_conn.ptnr2_label_seq_id 
_struct_conn.ptnr2_label_atom_id 
_struct_conn.pdbx_ptnr2_label_alt_id 
_struct_conn.pdbx_ptnr2_PDB_ins_code 
_struct_conn.ptnr1_auth_asym_id 
_struct_conn.ptnr1_auth_comp_id 
_struct_conn.ptnr1_auth_seq_id 
_struct_conn.ptnr2_auth_asym_id 
_struct_conn.ptnr2_auth_comp_id 
_struct_conn.ptnr2_auth_seq_id 
_struct_conn.ptnr2_symmetry 
_struct_conn.pdbx_ptnr3_label_atom_id 
_struct_conn.pdbx_ptnr3_label_seq_id 
_struct_conn.pdbx_ptnr3_label_comp_id 
_struct_conn.pdbx_ptnr3_label_asym_id 
_struct_conn.pdbx_ptnr3_label_alt_id 
_struct_conn.pdbx_ptnr3_PDB_ins_code 
_struct_conn.details 
_struct_conn.pdbx_dist_value 
_struct_conn.pdbx_value_order 
_struct_conn.pdbx_role 
hydrog1  hydrog ? ? A DC 1 N3 ? ? ? 1_555 B DG 5 N1 ? ? C DC 1 A DG 5 1_555 ? ? ? ? ? ? WATSON-CRICK ? ? ? 
hydrog2  hydrog ? ? A DC 1 N4 ? ? ? 1_555 B DG 5 O6 ? ? C DC 1 A DG 5 1_555 ? ? ? ? ? ? WATSON-CRICK ? ? ? 
hydrog3  hydrog ? ? A DC 1 O2 ? ? ? 1_555 B DG 5 N2 ? ? C DC 1 A DG 5 1_555 ? ? ? ? ? ? WATSON-CRICK ? ? ? 
hydrog4  hydrog ? ? A DG 2 N1 ? ? ? 1_555 B DC 4 N3 ? ? C DG 2 A DC 4 1_555 ? ? ? ? ? ? WATSON-CRICK ? ? ? 
hydrog5  hydrog ? ? A DG 2 N2 ? ? ? 1_555 B DC 4 O2 ? ? C DG 2 A DC 4 1_555 ? ? ? ? ? ? WATSON-CRICK ? ? ? 
hydrog6  hydrog ? ? A DG 2 O6 ? ? ? 1_555 B DC 4 N4 ? ? C DG 2 A DC 4 1_555 ? ? ? ? ? ? WATSON-CRICK ? ? ? 
hydrog7  hydrog ? ? A DT 3 N3 ? ? ? 1_555 B DA 3 N1 ? ? C DT 3 A DA 3 1_555 ? ? ? ? ? ? WATSON-CRICK ? ? ? 
hydrog8  hydrog ? ? A DT 3 O4 ? ? ? 1_555 B DA 3 N6 ? ? C DT 3 A DA 3 1_555 ? ? ? ? ? ? WATSON-CRICK ? ? ? 
hydrog9  hydrog ? ? A DG 4 N1 ? ? ? 1_555 C DC 3 N3 ? ? C DG 4 B DC 3 1_555 ? ? ? ? ? ? WATSON-CRICK ? ? ? 
hydrog10 hydrog ? ? A DG 4 N2 ? ? ? 1_555 C DC 3 O2 ? ? C DG 4 B DC 3 1_555 ? ? ? ? ? ? WATSON-CRICK ? ? ? 
hydrog11 hydrog ? ? A DG 4 O6 ? ? ? 1_555 C DC 3 N4 ? ? C DG 4 B DC 3 1_555 ? ? ? ? ? ? WATSON-CRICK ? ? ? 
hydrog12 hydrog ? ? A DG 5 N1 ? ? ? 1_555 C DC 2 N3 ? ? C DG 5 B DC 2 1_555 ? ? ? ? ? ? WATSON-CRICK ? ? ? 
hydrog13 hydrog ? ? A DG 5 N2 ? ? ? 1_555 C DC 2 O2 ? ? C DG 5 B DC 2 1_555 ? ? ? ? ? ? WATSON-CRICK ? ? ? 
hydrog14 hydrog ? ? A DG 5 O6 ? ? ? 1_555 C DC 2 N4 ? ? C DG 5 B DC 2 1_555 ? ? ? ? ? ? WATSON-CRICK ? ? ? 
hydrog15 hydrog ? ? A DA 6 N1 ? ? ? 1_555 C DT 1 N3 ? ? C DA 6 B DT 1 1_555 ? ? ? ? ? ? WATSON-CRICK ? ? ? 
hydrog16 hydrog ? ? A DA 6 N6 ? ? ? 1_555 C DT 1 O4 ? ? C DA 6 B DT 1 1_555 ? ? ? ? ? ? WATSON-CRICK ? ? ? 
# 
_struct_conn_type.id          hydrog 
_struct_conn_type.criteria    ? 
_struct_conn_type.reference   ? 
# 
loop_
_pdbx_validate_symm_contact.id 
_pdbx_validate_symm_contact.PDB_model_num 
_pdbx_validate_symm_contact.auth_atom_id_1 
_pdbx_validate_symm_contact.auth_asym_id_1 
_pdbx_validate_symm_contact.auth_comp_id_1 
_pdbx_validate_symm_contact.auth_seq_id_1 
_pdbx_validate_symm_contact.PDB_ins_code_1 
_pdbx_validate_symm_contact.label_alt_id_1 
_pdbx_validate_symm_contact.site_symmetry_1 
_pdbx_validate_symm_contact.auth_atom_id_2 
_pdbx_validate_symm_contact.auth_asym_id_2 
_pdbx_validate_symm_contact.auth_comp_id_2 
_pdbx_validate_symm_contact.auth_seq_id_2 
_pdbx_validate_symm_contact.PDB_ins_code_2 
_pdbx_validate_symm_contact.label_alt_id_2 
_pdbx_validate_symm_contact.site_symmetry_2 
_pdbx_validate_symm_contact.dist 
1 1 P     C DC 1 ? ? 1_555 "O3'" A DG 5 ? ? 7_555 1.60 
2 1 "O3'" C DA 6 ? ? 1_555 P     B DT 1 ? ? 7_555 1.61 
3 1 "O3'" C DA 6 ? ? 1_555 OP1   B DT 1 ? ? 7_555 1.87 
# 
loop_
_pdbx_validate_rmsd_bond.id 
_pdbx_validate_rmsd_bond.PDB_model_num 
_pdbx_validate_rmsd_bond.auth_atom_id_1 
_pdbx_validate_rmsd_bond.auth_asym_id_1 
_pdbx_validate_rmsd_bond.auth_comp_id_1 
_pdbx_validate_rmsd_bond.auth_seq_id_1 
_pdbx_validate_rmsd_bond.PDB_ins_code_1 
_pdbx_validate_rmsd_bond.label_alt_id_1 
_pdbx_validate_rmsd_bond.auth_atom_id_2 
_pdbx_validate_rmsd_bond.auth_asym_id_2 
_pdbx_validate_rmsd_bond.auth_comp_id_2 
_pdbx_validate_rmsd_bond.auth_seq_id_2 
_pdbx_validate_rmsd_bond.PDB_ins_code_2 
_pdbx_validate_rmsd_bond.label_alt_id_2 
_pdbx_validate_rmsd_bond.bond_value 
_pdbx_validate_rmsd_bond.bond_target_value 
_pdbx_validate_rmsd_bond.bond_deviation 
_pdbx_validate_rmsd_bond.bond_standard_deviation 
_pdbx_validate_rmsd_bond.linker_flag 
1 1 "O3'" C DT 3 ? ? "C3'" C DT 3 ? ? 1.368 1.419 -0.051 0.006 N 
2 1 "O3'" A DA 3 ? ? "C3'" A DA 3 ? ? 1.368 1.419 -0.051 0.006 N 
3 1 "O3'" B DC 3 ? ? "C3'" B DC 3 ? ? 1.372 1.419 -0.047 0.006 N 
# 
loop_
_pdbx_validate_rmsd_angle.id 
_pdbx_validate_rmsd_angle.PDB_model_num 
_pdbx_validate_rmsd_angle.auth_atom_id_1 
_pdbx_validate_rmsd_angle.auth_asym_id_1 
_pdbx_validate_rmsd_angle.auth_comp_id_1 
_pdbx_validate_rmsd_angle.auth_seq_id_1 
_pdbx_validate_rmsd_angle.PDB_ins_code_1 
_pdbx_validate_rmsd_angle.label_alt_id_1 
_pdbx_validate_rmsd_angle.auth_atom_id_2 
_pdbx_validate_rmsd_angle.auth_asym_id_2 
_pdbx_validate_rmsd_angle.auth_comp_id_2 
_pdbx_validate_rmsd_angle.auth_seq_id_2 
_pdbx_validate_rmsd_angle.PDB_ins_code_2 
_pdbx_validate_rmsd_angle.label_alt_id_2 
_pdbx_validate_rmsd_angle.auth_atom_id_3 
_pdbx_validate_rmsd_angle.auth_asym_id_3 
_pdbx_validate_rmsd_angle.auth_comp_id_3 
_pdbx_validate_rmsd_angle.auth_seq_id_3 
_pdbx_validate_rmsd_angle.PDB_ins_code_3 
_pdbx_validate_rmsd_angle.label_alt_id_3 
_pdbx_validate_rmsd_angle.angle_value 
_pdbx_validate_rmsd_angle.angle_target_value 
_pdbx_validate_rmsd_angle.angle_deviation 
_pdbx_validate_rmsd_angle.angle_standard_deviation 
_pdbx_validate_rmsd_angle.linker_flag 
1 1 "O4'" C DG 2 ? ? "C1'" C DG 2 ? ? N9    C DG 2 ? ? 111.51 108.30 3.21  0.30 N 
2 1 "C3'" C DG 4 ? ? "C2'" C DG 4 ? ? "C1'" C DG 4 ? ? 96.00  102.40 -6.40 0.80 N 
3 1 "O4'" C DG 4 ? ? "C1'" C DG 4 ? ? N9    C DG 4 ? ? 111.42 108.30 3.12  0.30 N 
4 1 "O4'" C DA 6 ? ? "C1'" C DA 6 ? ? N9    C DA 6 ? ? 112.42 108.30 4.12  0.30 N 
5 1 "O4'" B DC 2 ? ? "C1'" B DC 2 ? ? N1    B DC 2 ? ? 110.45 108.30 2.15  0.30 N 
6 1 "O4'" B DA 5 ? ? "C4'" B DA 5 ? ? "C3'" B DA 5 ? ? 101.54 104.50 -2.96 0.40 N 
# 
loop_
_space_group_symop.id 
_space_group_symop.operation_xyz 
1 x,y,z        
2 -y,x,z+3/4   
3 y,-x,z+1/4   
4 x,-y,-z+1/2  
5 -x,y,-z      
6 -x,-y,z+1/2  
7 y,x,-z+1/4   
8 -y,-x,-z+3/4 
# 
_pdbx_refine_tls.id               1 
_pdbx_refine_tls.pdbx_refine_id   'X-RAY DIFFRACTION' 
_pdbx_refine_tls.details          ? 
_pdbx_refine_tls.method           refined 
_pdbx_refine_tls.origin_x         -0.03744071859 
_pdbx_refine_tls.origin_y         -0.02879238272 
_pdbx_refine_tls.origin_z         0.05152200086 
_pdbx_refine_tls.T[1][1]          0.625794217939 
_pdbx_refine_tls.T[1][1]_esd      ? 
_pdbx_refine_tls.T[1][2]          -0.024194507435 
_pdbx_refine_tls.T[1][2]_esd      ? 
_pdbx_refine_tls.T[1][3]          -0.122908790155 
_pdbx_refine_tls.T[1][3]_esd      ? 
_pdbx_refine_tls.T[2][2]          0.073831468335 
_pdbx_refine_tls.T[2][2]_esd      ? 
_pdbx_refine_tls.T[2][3]          -0.061617267776 
_pdbx_refine_tls.T[2][3]_esd      ? 
_pdbx_refine_tls.T[3][3]          0.307043126852 
_pdbx_refine_tls.T[3][3]_esd      ? 
_pdbx_refine_tls.L[1][1]          0.68573327081 
_pdbx_refine_tls.L[1][1]_esd      ? 
_pdbx_refine_tls.L[1][2]          -0.57678844607 
_pdbx_refine_tls.L[1][2]_esd      ? 
_pdbx_refine_tls.L[1][3]          0.144103017345 
_pdbx_refine_tls.L[1][3]_esd      ? 
_pdbx_refine_tls.L[2][2]          2.07531655222 
_pdbx_refine_tls.L[2][2]_esd      ? 
_pdbx_refine_tls.L[2][3]          -0.514558036272 
_pdbx_refine_tls.L[2][3]_esd      ? 
_pdbx_refine_tls.L[3][3]          1.70387904840 
_pdbx_refine_tls.L[3][3]_esd      ? 
_pdbx_refine_tls.S[1][1]          0.417442031757 
_pdbx_refine_tls.S[1][1]_esd      ? 
_pdbx_refine_tls.S[1][2]          -0.048374067670 
_pdbx_refine_tls.S[1][2]_esd      ? 
_pdbx_refine_tls.S[1][3]          -0.369788932966 
_pdbx_refine_tls.S[1][3]_esd      ? 
_pdbx_refine_tls.S[2][1]          0.110115237088 
_pdbx_refine_tls.S[2][1]_esd      ? 
_pdbx_refine_tls.S[2][2]          0.952032945683 
_pdbx_refine_tls.S[2][2]_esd      ? 
_pdbx_refine_tls.S[2][3]          0.182435984761 
_pdbx_refine_tls.S[2][3]_esd      ? 
_pdbx_refine_tls.S[3][1]          -0.162165413111 
_pdbx_refine_tls.S[3][1]_esd      ? 
_pdbx_refine_tls.S[3][2]          -0.312784717974 
_pdbx_refine_tls.S[3][2]_esd      ? 
_pdbx_refine_tls.S[3][3]          0.92474057771 
_pdbx_refine_tls.S[3][3]_esd      ? 
# 
_pdbx_refine_tls_group.id                  1 
_pdbx_refine_tls_group.pdbx_refine_id      'X-RAY DIFFRACTION' 
_pdbx_refine_tls_group.refine_tls_id       1 
_pdbx_refine_tls_group.beg_label_asym_id   A 
_pdbx_refine_tls_group.beg_label_seq_id    ? 
_pdbx_refine_tls_group.beg_auth_asym_id    C 
_pdbx_refine_tls_group.beg_auth_seq_id     1 
_pdbx_refine_tls_group.beg_PDB_ins_code    ? 
_pdbx_refine_tls_group.end_label_asym_id   C 
_pdbx_refine_tls_group.end_label_seq_id    ? 
_pdbx_refine_tls_group.end_auth_asym_id    B 
_pdbx_refine_tls_group.end_auth_seq_id     5 
_pdbx_refine_tls_group.end_PDB_ins_code    ? 
_pdbx_refine_tls_group.selection           ? 
_pdbx_refine_tls_group.selection_details   all 
# 
loop_
_chem_comp_atom.comp_id 
_chem_comp_atom.atom_id 
_chem_comp_atom.type_symbol 
_chem_comp_atom.pdbx_aromatic_flag 
_chem_comp_atom.pdbx_stereo_config 
_chem_comp_atom.pdbx_ordinal 
DA OP3    O N N 1   
DA P      P N N 2   
DA OP1    O N N 3   
DA OP2    O N N 4   
DA "O5'"  O N N 5   
DA "C5'"  C N N 6   
DA "C4'"  C N R 7   
DA "O4'"  O N N 8   
DA "C3'"  C N S 9   
DA "O3'"  O N N 10  
DA "C2'"  C N N 11  
DA "C1'"  C N R 12  
DA N9     N Y N 13  
DA C8     C Y N 14  
DA N7     N Y N 15  
DA C5     C Y N 16  
DA C6     C Y N 17  
DA N6     N N N 18  
DA N1     N Y N 19  
DA C2     C Y N 20  
DA N3     N Y N 21  
DA C4     C Y N 22  
DA HOP3   H N N 23  
DA HOP2   H N N 24  
DA "H5'"  H N N 25  
DA "H5''" H N N 26  
DA "H4'"  H N N 27  
DA "H3'"  H N N 28  
DA "HO3'" H N N 29  
DA "H2'"  H N N 30  
DA "H2''" H N N 31  
DA "H1'"  H N N 32  
DA H8     H N N 33  
DA H61    H N N 34  
DA H62    H N N 35  
DA H2     H N N 36  
DC OP3    O N N 37  
DC P      P N N 38  
DC OP1    O N N 39  
DC OP2    O N N 40  
DC "O5'"  O N N 41  
DC "C5'"  C N N 42  
DC "C4'"  C N R 43  
DC "O4'"  O N N 44  
DC "C3'"  C N S 45  
DC "O3'"  O N N 46  
DC "C2'"  C N N 47  
DC "C1'"  C N R 48  
DC N1     N N N 49  
DC C2     C N N 50  
DC O2     O N N 51  
DC N3     N N N 52  
DC C4     C N N 53  
DC N4     N N N 54  
DC C5     C N N 55  
DC C6     C N N 56  
DC HOP3   H N N 57  
DC HOP2   H N N 58  
DC "H5'"  H N N 59  
DC "H5''" H N N 60  
DC "H4'"  H N N 61  
DC "H3'"  H N N 62  
DC "HO3'" H N N 63  
DC "H2'"  H N N 64  
DC "H2''" H N N 65  
DC "H1'"  H N N 66  
DC H41    H N N 67  
DC H42    H N N 68  
DC H5     H N N 69  
DC H6     H N N 70  
DG OP3    O N N 71  
DG P      P N N 72  
DG OP1    O N N 73  
DG OP2    O N N 74  
DG "O5'"  O N N 75  
DG "C5'"  C N N 76  
DG "C4'"  C N R 77  
DG "O4'"  O N N 78  
DG "C3'"  C N S 79  
DG "O3'"  O N N 80  
DG "C2'"  C N N 81  
DG "C1'"  C N R 82  
DG N9     N Y N 83  
DG C8     C Y N 84  
DG N7     N Y N 85  
DG C5     C Y N 86  
DG C6     C N N 87  
DG O6     O N N 88  
DG N1     N N N 89  
DG C2     C N N 90  
DG N2     N N N 91  
DG N3     N N N 92  
DG C4     C Y N 93  
DG HOP3   H N N 94  
DG HOP2   H N N 95  
DG "H5'"  H N N 96  
DG "H5''" H N N 97  
DG "H4'"  H N N 98  
DG "H3'"  H N N 99  
DG "HO3'" H N N 100 
DG "H2'"  H N N 101 
DG "H2''" H N N 102 
DG "H1'"  H N N 103 
DG H8     H N N 104 
DG H1     H N N 105 
DG H21    H N N 106 
DG H22    H N N 107 
DT OP3    O N N 108 
DT P      P N N 109 
DT OP1    O N N 110 
DT OP2    O N N 111 
DT "O5'"  O N N 112 
DT "C5'"  C N N 113 
DT "C4'"  C N R 114 
DT "O4'"  O N N 115 
DT "C3'"  C N S 116 
DT "O3'"  O N N 117 
DT "C2'"  C N N 118 
DT "C1'"  C N R 119 
DT N1     N N N 120 
DT C2     C N N 121 
DT O2     O N N 122 
DT N3     N N N 123 
DT C4     C N N 124 
DT O4     O N N 125 
DT C5     C N N 126 
DT C7     C N N 127 
DT C6     C N N 128 
DT HOP3   H N N 129 
DT HOP2   H N N 130 
DT "H5'"  H N N 131 
DT "H5''" H N N 132 
DT "H4'"  H N N 133 
DT "H3'"  H N N 134 
DT "HO3'" H N N 135 
DT "H2'"  H N N 136 
DT "H2''" H N N 137 
DT "H1'"  H N N 138 
DT H3     H N N 139 
DT H71    H N N 140 
DT H72    H N N 141 
DT H73    H N N 142 
DT H6     H N N 143 
# 
loop_
_chem_comp_bond.comp_id 
_chem_comp_bond.atom_id_1 
_chem_comp_bond.atom_id_2 
_chem_comp_bond.value_order 
_chem_comp_bond.pdbx_aromatic_flag 
_chem_comp_bond.pdbx_stereo_config 
_chem_comp_bond.pdbx_ordinal 
DA OP3   P      sing N N 1   
DA OP3   HOP3   sing N N 2   
DA P     OP1    doub N N 3   
DA P     OP2    sing N N 4   
DA P     "O5'"  sing N N 5   
DA OP2   HOP2   sing N N 6   
DA "O5'" "C5'"  sing N N 7   
DA "C5'" "C4'"  sing N N 8   
DA "C5'" "H5'"  sing N N 9   
DA "C5'" "H5''" sing N N 10  
DA "C4'" "O4'"  sing N N 11  
DA "C4'" "C3'"  sing N N 12  
DA "C4'" "H4'"  sing N N 13  
DA "O4'" "C1'"  sing N N 14  
DA "C3'" "O3'"  sing N N 15  
DA "C3'" "C2'"  sing N N 16  
DA "C3'" "H3'"  sing N N 17  
DA "O3'" "HO3'" sing N N 18  
DA "C2'" "C1'"  sing N N 19  
DA "C2'" "H2'"  sing N N 20  
DA "C2'" "H2''" sing N N 21  
DA "C1'" N9     sing N N 22  
DA "C1'" "H1'"  sing N N 23  
DA N9    C8     sing Y N 24  
DA N9    C4     sing Y N 25  
DA C8    N7     doub Y N 26  
DA C8    H8     sing N N 27  
DA N7    C5     sing Y N 28  
DA C5    C6     sing Y N 29  
DA C5    C4     doub Y N 30  
DA C6    N6     sing N N 31  
DA C6    N1     doub Y N 32  
DA N6    H61    sing N N 33  
DA N6    H62    sing N N 34  
DA N1    C2     sing Y N 35  
DA C2    N3     doub Y N 36  
DA C2    H2     sing N N 37  
DA N3    C4     sing Y N 38  
DC OP3   P      sing N N 39  
DC OP3   HOP3   sing N N 40  
DC P     OP1    doub N N 41  
DC P     OP2    sing N N 42  
DC P     "O5'"  sing N N 43  
DC OP2   HOP2   sing N N 44  
DC "O5'" "C5'"  sing N N 45  
DC "C5'" "C4'"  sing N N 46  
DC "C5'" "H5'"  sing N N 47  
DC "C5'" "H5''" sing N N 48  
DC "C4'" "O4'"  sing N N 49  
DC "C4'" "C3'"  sing N N 50  
DC "C4'" "H4'"  sing N N 51  
DC "O4'" "C1'"  sing N N 52  
DC "C3'" "O3'"  sing N N 53  
DC "C3'" "C2'"  sing N N 54  
DC "C3'" "H3'"  sing N N 55  
DC "O3'" "HO3'" sing N N 56  
DC "C2'" "C1'"  sing N N 57  
DC "C2'" "H2'"  sing N N 58  
DC "C2'" "H2''" sing N N 59  
DC "C1'" N1     sing N N 60  
DC "C1'" "H1'"  sing N N 61  
DC N1    C2     sing N N 62  
DC N1    C6     sing N N 63  
DC C2    O2     doub N N 64  
DC C2    N3     sing N N 65  
DC N3    C4     doub N N 66  
DC C4    N4     sing N N 67  
DC C4    C5     sing N N 68  
DC N4    H41    sing N N 69  
DC N4    H42    sing N N 70  
DC C5    C6     doub N N 71  
DC C5    H5     sing N N 72  
DC C6    H6     sing N N 73  
DG OP3   P      sing N N 74  
DG OP3   HOP3   sing N N 75  
DG P     OP1    doub N N 76  
DG P     OP2    sing N N 77  
DG P     "O5'"  sing N N 78  
DG OP2   HOP2   sing N N 79  
DG "O5'" "C5'"  sing N N 80  
DG "C5'" "C4'"  sing N N 81  
DG "C5'" "H5'"  sing N N 82  
DG "C5'" "H5''" sing N N 83  
DG "C4'" "O4'"  sing N N 84  
DG "C4'" "C3'"  sing N N 85  
DG "C4'" "H4'"  sing N N 86  
DG "O4'" "C1'"  sing N N 87  
DG "C3'" "O3'"  sing N N 88  
DG "C3'" "C2'"  sing N N 89  
DG "C3'" "H3'"  sing N N 90  
DG "O3'" "HO3'" sing N N 91  
DG "C2'" "C1'"  sing N N 92  
DG "C2'" "H2'"  sing N N 93  
DG "C2'" "H2''" sing N N 94  
DG "C1'" N9     sing N N 95  
DG "C1'" "H1'"  sing N N 96  
DG N9    C8     sing Y N 97  
DG N9    C4     sing Y N 98  
DG C8    N7     doub Y N 99  
DG C8    H8     sing N N 100 
DG N7    C5     sing Y N 101 
DG C5    C6     sing N N 102 
DG C5    C4     doub Y N 103 
DG C6    O6     doub N N 104 
DG C6    N1     sing N N 105 
DG N1    C2     sing N N 106 
DG N1    H1     sing N N 107 
DG C2    N2     sing N N 108 
DG C2    N3     doub N N 109 
DG N2    H21    sing N N 110 
DG N2    H22    sing N N 111 
DG N3    C4     sing N N 112 
DT OP3   P      sing N N 113 
DT OP3   HOP3   sing N N 114 
DT P     OP1    doub N N 115 
DT P     OP2    sing N N 116 
DT P     "O5'"  sing N N 117 
DT OP2   HOP2   sing N N 118 
DT "O5'" "C5'"  sing N N 119 
DT "C5'" "C4'"  sing N N 120 
DT "C5'" "H5'"  sing N N 121 
DT "C5'" "H5''" sing N N 122 
DT "C4'" "O4'"  sing N N 123 
DT "C4'" "C3'"  sing N N 124 
DT "C4'" "H4'"  sing N N 125 
DT "O4'" "C1'"  sing N N 126 
DT "C3'" "O3'"  sing N N 127 
DT "C3'" "C2'"  sing N N 128 
DT "C3'" "H3'"  sing N N 129 
DT "O3'" "HO3'" sing N N 130 
DT "C2'" "C1'"  sing N N 131 
DT "C2'" "H2'"  sing N N 132 
DT "C2'" "H2''" sing N N 133 
DT "C1'" N1     sing N N 134 
DT "C1'" "H1'"  sing N N 135 
DT N1    C2     sing N N 136 
DT N1    C6     sing N N 137 
DT C2    O2     doub N N 138 
DT C2    N3     sing N N 139 
DT N3    C4     sing N N 140 
DT N3    H3     sing N N 141 
DT C4    O4     doub N N 142 
DT C4    C5     sing N N 143 
DT C5    C7     sing N N 144 
DT C5    C6     doub N N 145 
DT C7    H71    sing N N 146 
DT C7    H72    sing N N 147 
DT C7    H73    sing N N 148 
DT C6    H6     sing N N 149 
# 
_ndb_struct_conf_na.entry_id   8EPI 
_ndb_struct_conf_na.feature    'b-form double helix' 
# 
loop_
_ndb_struct_na_base_pair.model_number 
_ndb_struct_na_base_pair.i_label_asym_id 
_ndb_struct_na_base_pair.i_label_comp_id 
_ndb_struct_na_base_pair.i_label_seq_id 
_ndb_struct_na_base_pair.i_symmetry 
_ndb_struct_na_base_pair.j_label_asym_id 
_ndb_struct_na_base_pair.j_label_comp_id 
_ndb_struct_na_base_pair.j_label_seq_id 
_ndb_struct_na_base_pair.j_symmetry 
_ndb_struct_na_base_pair.shear 
_ndb_struct_na_base_pair.stretch 
_ndb_struct_na_base_pair.stagger 
_ndb_struct_na_base_pair.buckle 
_ndb_struct_na_base_pair.propeller 
_ndb_struct_na_base_pair.opening 
_ndb_struct_na_base_pair.pair_number 
_ndb_struct_na_base_pair.pair_name 
_ndb_struct_na_base_pair.i_auth_asym_id 
_ndb_struct_na_base_pair.i_auth_seq_id 
_ndb_struct_na_base_pair.i_PDB_ins_code 
_ndb_struct_na_base_pair.j_auth_asym_id 
_ndb_struct_na_base_pair.j_auth_seq_id 
_ndb_struct_na_base_pair.j_PDB_ins_code 
_ndb_struct_na_base_pair.hbond_type_28 
_ndb_struct_na_base_pair.hbond_type_12 
1 A DC 1 1_555 B DG 5 1_555 0.120  -0.054 -0.069 -0.860 -3.899  2.673  1 C_DC1:DG5_A C 1 ? A 5 ? 19 1 
1 A DG 2 1_555 B DC 4 1_555 -0.259 -0.144 -0.123 -1.293 -5.931  -2.428 2 C_DG2:DC4_A C 2 ? A 4 ? 19 1 
1 A DT 3 1_555 B DA 3 1_555 -0.264 -0.090 0.151  -4.439 -8.028  -1.577 3 C_DT3:DA3_A C 3 ? A 3 ? 20 1 
1 A DG 4 1_555 C DC 3 1_555 -0.123 -0.110 0.221  6.379  -2.362  -2.208 4 C_DG4:DC3_B C 4 ? B 3 ? 19 1 
1 A DG 5 1_555 C DC 2 1_555 -0.459 -0.098 0.055  0.524  -15.768 7.256  5 C_DG5:DC2_B C 5 ? B 2 ? 19 1 
1 A DA 6 1_555 C DT 1 1_555 -1.044 -0.004 -0.632 -4.308 -30.919 -3.929 6 C_DA6:DT1_B C 6 ? B 1 ? 20 1 
# 
loop_
_ndb_struct_na_base_pair_step.model_number 
_ndb_struct_na_base_pair_step.i_label_asym_id_1 
_ndb_struct_na_base_pair_step.i_label_comp_id_1 
_ndb_struct_na_base_pair_step.i_label_seq_id_1 
_ndb_struct_na_base_pair_step.i_symmetry_1 
_ndb_struct_na_base_pair_step.j_label_asym_id_1 
_ndb_struct_na_base_pair_step.j_label_comp_id_1 
_ndb_struct_na_base_pair_step.j_label_seq_id_1 
_ndb_struct_na_base_pair_step.j_symmetry_1 
_ndb_struct_na_base_pair_step.i_label_asym_id_2 
_ndb_struct_na_base_pair_step.i_label_comp_id_2 
_ndb_struct_na_base_pair_step.i_label_seq_id_2 
_ndb_struct_na_base_pair_step.i_symmetry_2 
_ndb_struct_na_base_pair_step.j_label_asym_id_2 
_ndb_struct_na_base_pair_step.j_label_comp_id_2 
_ndb_struct_na_base_pair_step.j_label_seq_id_2 
_ndb_struct_na_base_pair_step.j_symmetry_2 
_ndb_struct_na_base_pair_step.shift 
_ndb_struct_na_base_pair_step.slide 
_ndb_struct_na_base_pair_step.rise 
_ndb_struct_na_base_pair_step.tilt 
_ndb_struct_na_base_pair_step.roll 
_ndb_struct_na_base_pair_step.twist 
_ndb_struct_na_base_pair_step.x_displacement 
_ndb_struct_na_base_pair_step.y_displacement 
_ndb_struct_na_base_pair_step.helical_rise 
_ndb_struct_na_base_pair_step.inclination 
_ndb_struct_na_base_pair_step.tip 
_ndb_struct_na_base_pair_step.helical_twist 
_ndb_struct_na_base_pair_step.step_number 
_ndb_struct_na_base_pair_step.step_name 
_ndb_struct_na_base_pair_step.i_auth_asym_id_1 
_ndb_struct_na_base_pair_step.i_auth_seq_id_1 
_ndb_struct_na_base_pair_step.i_PDB_ins_code_1 
_ndb_struct_na_base_pair_step.j_auth_asym_id_1 
_ndb_struct_na_base_pair_step.j_auth_seq_id_1 
_ndb_struct_na_base_pair_step.j_PDB_ins_code_1 
_ndb_struct_na_base_pair_step.i_auth_asym_id_2 
_ndb_struct_na_base_pair_step.i_auth_seq_id_2 
_ndb_struct_na_base_pair_step.i_PDB_ins_code_2 
_ndb_struct_na_base_pair_step.j_auth_asym_id_2 
_ndb_struct_na_base_pair_step.j_auth_seq_id_2 
_ndb_struct_na_base_pair_step.j_PDB_ins_code_2 
1 A DC 1 1_555 B DG 5 1_555 A DG 2 1_555 B DC 4 1_555 -0.376 -0.095 3.416 -1.187 6.323  32.540 -1.276 0.450  3.350 11.149 2.093   
33.153 1 CC_DC1DG2:DC4DG5_AA C 1 ? A 5 ? C 2 ? A 4 ? 
1 A DG 2 1_555 B DC 4 1_555 A DT 3 1_555 B DA 3 1_555 0.049  0.012  3.399 -2.496 0.910  32.386 -0.144 -0.542 3.385 1.627  4.465   
32.492 2 CC_DG2DT3:DA3DC4_AA C 2 ? A 4 ? C 3 ? A 3 ? 
1 A DG 4 1_555 C DC 3 1_555 A DG 5 1_555 C DC 2 1_555 0.363  -0.451 3.501 2.812  -1.771 37.415 -0.452 -0.169 3.534 -2.754 -4.373  
37.557 3 CC_DG4DG5:DC2DC3_BB C 4 ? B 3 ? C 5 ? B 2 ? 
1 A DG 5 1_555 C DC 2 1_555 A DA 6 1_555 C DT 1 1_555 -0.663 -0.372 3.637 5.889  -2.886 30.106 -0.082 2.512  3.468 -5.474 -11.172 
30.796 4 CC_DG5DA6:DT1DC2_BB C 5 ? B 2 ? C 6 ? B 1 ? 
# 
loop_
_pdbx_audit_support.funding_organization 
_pdbx_audit_support.country 
_pdbx_audit_support.grant_number 
_pdbx_audit_support.ordinal 
'National Science Foundation (NSF, United States)'                                         'United States' CMMI-2025187 1 
'National Science Foundation (NSF, United States)'                                         'United States' CCF-2107393  2 
'National Institutes of Health/National Institute of General Medical Sciences (NIH/NIGMS)' 'United States' 1R01GM127884 3 
'National Institutes of Health/National Institute of General Medical Sciences (NIH/NIGMS)' 'United States' 1R01GM127896 4 
# 
_pdbx_initial_refinement_model.accession_code   ? 
_pdbx_initial_refinement_model.id               1 
_pdbx_initial_refinement_model.entity_id_list   ? 
_pdbx_initial_refinement_model.type             'in silico model' 
_pdbx_initial_refinement_model.source_name      Other 
_pdbx_initial_refinement_model.details          'ideal B type DNA duplexes generated in Cadnano' 
# 
_space_group.name_H-M_alt     'P 43 2 2' 
_space_group.name_Hall        'P 4cw 2c' 
_space_group.IT_number        95 
_space_group.crystal_system   tetragonal 
_space_group.id               1 
# 
_atom_sites.entry_id                    8EPI 
_atom_sites.Cartn_transf_matrix[1][1]   ? 
_atom_sites.Cartn_transf_matrix[1][2]   ? 
_atom_sites.Cartn_transf_matrix[1][3]   ? 
_atom_sites.Cartn_transf_matrix[2][1]   ? 
_atom_sites.Cartn_transf_matrix[2][2]   ? 
_atom_sites.Cartn_transf_matrix[2][3]   ? 
_atom_sites.Cartn_transf_matrix[3][1]   ? 
_atom_sites.Cartn_transf_matrix[3][2]   ? 
_atom_sites.Cartn_transf_matrix[3][3]   ? 
_atom_sites.Cartn_transf_vector[1]      ? 
_atom_sites.Cartn_transf_vector[2]      ? 
_atom_sites.Cartn_transf_vector[3]      ? 
_atom_sites.fract_transf_matrix[1][1]   -0.02537092 
_atom_sites.fract_transf_matrix[1][2]   0.01031837 
_atom_sites.fract_transf_matrix[1][3]   -0.00235535 
_atom_sites.fract_transf_matrix[2][1]   -0.00940020 
_atom_sites.fract_transf_matrix[2][2]   -0.02477979 
_atom_sites.fract_transf_matrix[2][3]   -0.00730058 
_atom_sites.fract_transf_matrix[3][1]   -0.00169503 
_atom_sites.fract_transf_matrix[3][2]   -0.00206760 
_atom_sites.fract_transf_matrix[3][3]   0.00920041 
_atom_sites.fract_transf_vector[1]      0.261321 
_atom_sites.fract_transf_vector[2]      0.171389 
_atom_sites.fract_transf_vector[3]      0.062798 
_atom_sites.solution_primary            ? 
_atom_sites.solution_secondary          ? 
_atom_sites.solution_hydrogens          ? 
_atom_sites.special_details             ? 
# 
loop_
_atom_type.symbol 
_atom_type.scat_dispersion_real 
_atom_type.scat_dispersion_imag 
_atom_type.scat_Cromer_Mann_a1 
_atom_type.scat_Cromer_Mann_a2 
_atom_type.scat_Cromer_Mann_a3 
_atom_type.scat_Cromer_Mann_a4 
_atom_type.scat_Cromer_Mann_b1 
_atom_type.scat_Cromer_Mann_b2 
_atom_type.scat_Cromer_Mann_b3 
_atom_type.scat_Cromer_Mann_b4 
_atom_type.scat_Cromer_Mann_c 
_atom_type.scat_source 
_atom_type.scat_dispersion_source 
C ? ? 3.54356 2.42580 ? ? 25.62398 1.50364  ? ? 0.0 
;2-Gaussian fit: Grosse-Kunstleve RW, Sauter NK, Adams PD: Newsletter of the IUCr Commission on Crystallographic Computing 2004, 3, 22-31.
;
? 
N ? ? 4.01032 2.96436 ? ? 19.97189 1.75589  ? ? 0.0 
;2-Gaussian fit: Grosse-Kunstleve RW, Sauter NK, Adams PD: Newsletter of the IUCr Commission on Crystallographic Computing 2004, 3, 22-31.
;
? 
O ? ? 4.49882 3.47563 ? ? 15.80542 1.70748  ? ? 0.0 
;2-Gaussian fit: Grosse-Kunstleve RW, Sauter NK, Adams PD: Newsletter of the IUCr Commission on Crystallographic Computing 2004, 3, 22-31.
;
? 
P ? ? 9.51135 5.44231 ? ? 1.42069  35.72801 ? ? 0.0 
;2-Gaussian fit: Grosse-Kunstleve RW, Sauter NK, Adams PD: Newsletter of the IUCr Commission on Crystallographic Computing 2004, 3, 22-31.
;
? 
# 
loop_
_atom_site.group_PDB 
_atom_site.id 
_atom_site.type_symbol 
_atom_site.label_atom_id 
_atom_site.label_alt_id 
_atom_site.label_comp_id 
_atom_site.label_asym_id 
_atom_site.label_entity_id 
_atom_site.label_seq_id 
_atom_site.pdbx_PDB_ins_code 
_atom_site.Cartn_x 
_atom_site.Cartn_y 
_atom_site.Cartn_z 
_atom_site.occupancy 
_atom_site.B_iso_or_equiv 
_atom_site.pdbx_formal_charge 
_atom_site.auth_seq_id 
_atom_site.auth_comp_id 
_atom_site.auth_asym_id 
_atom_site.auth_atom_id 
_atom_site.pdbx_PDB_model_num 
ATOM 1   P P     . DC A 1 1 ? 10.09148  -8.72874  5.37596   1.000 76.78430  ? 1 DC C P     1 
ATOM 2   O OP1   . DC A 1 1 ? 9.73741   -10.17322 5.34757   1.000 71.49871  ? 1 DC C OP1   1 
ATOM 3   O OP2   . DC A 1 1 ? 11.43249  -8.25526  4.95391   1.000 72.29428  ? 1 DC C OP2   1 
ATOM 4   O "O5'" . DC A 1 1 ? 8.97558   -7.91125  4.57132   1.000 67.65171  ? 1 DC C "O5'" 1 
ATOM 5   C "C5'" . DC A 1 1 ? 7.63054   -8.11785  4.90999   1.000 64.25899  ? 1 DC C "C5'" 1 
ATOM 6   C "C4'" . DC A 1 1 ? 6.82345   -6.86319  4.71942   1.000 59.08007  ? 1 DC C "C4'" 1 
ATOM 7   O "O4'" . DC A 1 1 ? 7.40641   -5.74404  5.45546   1.000 52.05678  ? 1 DC C "O4'" 1 
ATOM 8   C "C3'" . DC A 1 1 ? 6.71932   -6.40243  3.27670   1.000 61.52390  ? 1 DC C "C3'" 1 
ATOM 9   O "O3'" . DC A 1 1 ? 5.40132   -5.96997  3.06577   1.000 60.17455  ? 1 DC C "O3'" 1 
ATOM 10  C "C2'" . DC A 1 1 ? 7.70099   -5.22701  3.24520   1.000 64.78149  ? 1 DC C "C2'" 1 
ATOM 11  C "C1'" . DC A 1 1 ? 7.40736   -4.62277  4.60035   1.000 55.30558  ? 1 DC C "C1'" 1 
ATOM 12  N N1    . DC A 1 1 ? 8.41901   -3.65837  5.08376   1.000 53.71550  ? 1 DC C N1    1 
ATOM 13  C C2    . DC A 1 1 ? 8.02497   -2.37635  5.56573   1.000 53.30460  ? 1 DC C C2    1 
ATOM 14  O O2    . DC A 1 1 ? 6.82896   -2.06284  5.54700   1.000 50.56097  ? 1 DC C O2    1 
ATOM 15  N N3    . DC A 1 1 ? 8.98939   -1.52314  6.04374   1.000 51.06887  ? 1 DC C N3    1 
ATOM 16  C C4    . DC A 1 1 ? 10.27668  -1.90683  6.04657   1.000 53.02566  ? 1 DC C C4    1 
ATOM 17  N N4    . DC A 1 1 ? 11.20423  -1.04548  6.50213   1.000 50.07461  ? 1 DC C N4    1 
ATOM 18  C C5    . DC A 1 1 ? 10.67663  -3.19789  5.56104   1.000 58.09354  ? 1 DC C C5    1 
ATOM 19  C C6    . DC A 1 1 ? 9.72493   -4.02606  5.09030   1.000 55.98569  ? 1 DC C C6    1 
ATOM 20  P P     . DG A 1 2 ? 4.74508   -6.03610  1.61135   1.000 63.87765  ? 2 DG C P     1 
ATOM 21  O OP1   . DG A 1 2 ? 4.23065   -7.40965  1.41607   1.000 74.49038  ? 2 DG C OP1   1 
ATOM 22  O OP2   . DG A 1 2 ? 5.74616   -5.51960  0.64830   1.000 65.56417  ? 2 DG C OP2   1 
ATOM 23  O "O5'" . DG A 1 2 ? 3.49662   -5.03115  1.71370   1.000 59.78689  ? 2 DG C "O5'" 1 
ATOM 24  C "C5'" . DG A 1 2 ? 3.48715   -3.99498  2.69616   1.000 59.86042  ? 2 DG C "C5'" 1 
ATOM 25  C "C4'" . DG A 1 2 ? 3.18586   -2.64834  2.05995   1.000 61.09932  ? 2 DG C "C4'" 1 
ATOM 26  O "O4'" . DG A 1 2 ? 4.15087   -1.66757  2.56130   1.000 56.86218  ? 2 DG C "O4'" 1 
ATOM 27  C "C3'" . DG A 1 2 ? 3.36361   -2.62392  0.53960   1.000 59.90800  ? 2 DG C "C3'" 1 
ATOM 28  O "O3'" . DG A 1 2 ? 2.76572   -1.44936  -0.01323  1.000 63.28683  ? 2 DG C "O3'" 1 
ATOM 29  C "C2'" . DG A 1 2 ? 4.85603   -2.46670  0.48473   1.000 56.49704  ? 2 DG C "C2'" 1 
ATOM 30  C "C1'" . DG A 1 2 ? 4.99874   -1.31776  1.48752   1.000 55.09981  ? 2 DG C "C1'" 1 
ATOM 31  N N9    . DG A 1 2 ? 6.37422   -1.09408  1.93992   1.000 51.27961  ? 2 DG C N9    1 
ATOM 32  C C8    . DG A 1 2 ? 7.43075   -1.96457  1.80292   1.000 49.80723  ? 2 DG C C8    1 
ATOM 33  N N7    . DG A 1 2 ? 8.55281   -1.49530  2.24323   1.000 47.77228  ? 2 DG C N7    1 
ATOM 34  C C5    . DG A 1 2 ? 8.23443   -0.21822  2.68797   1.000 48.50227  ? 2 DG C C5    1 
ATOM 35  C C6    . DG A 1 2 ? 9.06495   0.76639   3.27912   1.000 47.89941  ? 2 DG C C6    1 
ATOM 36  O O6    . DG A 1 2 ? 10.27681  0.69844   3.52635   1.000 51.11589  ? 2 DG C O6    1 
ATOM 37  N N1    . DG A 1 2 ? 8.36248   1.91602   3.58795   1.000 46.28368  ? 2 DG C N1    1 
ATOM 38  C C2    . DG A 1 2 ? 7.02169   2.10393   3.35743   1.000 48.84074  ? 2 DG C C2    1 
ATOM 39  N N2    . DG A 1 2 ? 6.52574   3.29783   3.72777   1.000 48.33997  ? 2 DG C N2    1 
ATOM 40  N N3    . DG A 1 2 ? 6.21965   1.18251   2.80390   1.000 48.15966  ? 2 DG C N3    1 
ATOM 41  C C4    . DG A 1 2 ? 6.90160   0.05079   2.49393   1.000 48.69273  ? 2 DG C C4    1 
ATOM 42  P P     . DT A 1 3 ? 1.22279   -1.36920  -0.47069  1.000 67.87797  ? 3 DT C P     1 
ATOM 43  O OP1   . DT A 1 3 ? 0.35744   -1.94878  0.57934   1.000 70.30605  ? 3 DT C OP1   1 
ATOM 44  O OP2   . DT A 1 3 ? 1.17665   -1.86497  -1.87410  1.000 57.20317  ? 3 DT C OP2   1 
ATOM 45  O "O5'" . DT A 1 3 ? 0.92060   0.20061   -0.36930  1.000 61.71375  ? 3 DT C "O5'" 1 
ATOM 46  C "C5'" . DT A 1 3 ? 1.50009   0.94253   0.71574   1.000 58.77475  ? 3 DT C "C5'" 1 
ATOM 47  C "C4'" . DT A 1 3 ? 2.26834   2.15341   0.20190   1.000 54.51654  ? 3 DT C "C4'" 1 
ATOM 48  O "O4'" . DT A 1 3 ? 3.69429   2.03952   0.45044   1.000 55.67483  ? 3 DT C "O4'" 1 
ATOM 49  C "C3'" . DT A 1 3 ? 2.13098   2.41365   -1.27726  1.000 51.52874  ? 3 DT C "C3'" 1 
ATOM 50  O "O3'" . DT A 1 3 ? 1.63609   3.68279   -1.40204  1.000 54.59631  ? 3 DT C "O3'" 1 
ATOM 51  C "C2'" . DT A 1 3 ? 3.57182   2.29884   -1.82590  1.000 46.31010  ? 3 DT C "C2'" 1 
ATOM 52  C "C1'" . DT A 1 3 ? 4.38445   2.66265   -0.60080  1.000 44.89091  ? 3 DT C "C1'" 1 
ATOM 53  N N1    . DT A 1 3 ? 5.80284   2.15801   -0.58223  1.000 40.73252  ? 3 DT C N1    1 
ATOM 54  C C2    . DT A 1 3 ? 6.81395   2.95661   -0.08484  1.000 45.55316  ? 3 DT C C2    1 
ATOM 55  O O2    . DT A 1 3 ? 6.63601   4.08789   0.31790   1.000 49.15604  ? 3 DT C O2    1 
ATOM 56  N N3    . DT A 1 3 ? 8.05665   2.37556   -0.08298  1.000 45.24774  ? 3 DT C N3    1 
ATOM 57  C C4    . DT A 1 3 ? 8.38062   1.11446   -0.50950  1.000 45.10014  ? 3 DT C C4    1 
ATOM 58  O O4    . DT A 1 3 ? 9.52709   0.66318   -0.48262  1.000 44.27492  ? 3 DT C O4    1 
ATOM 59  C C5    . DT A 1 3 ? 7.28774   0.35085   -1.00012  1.000 47.36347  ? 3 DT C C5    1 
ATOM 60  C C7    . DT A 1 3 ? 7.53494   -1.03523  -1.49474  1.000 61.22203  ? 3 DT C C7    1 
ATOM 61  C C6    . DT A 1 3 ? 6.06453   0.89921   -1.00937  1.000 43.73911  ? 3 DT C C6    1 
ATOM 62  P P     . DG A 1 4 ? 0.56716   4.00166   -2.53720  1.000 59.26572  ? 4 DG C P     1 
ATOM 63  O OP1   . DG A 1 4 ? 0.90711   3.12442   -3.70056  1.000 58.06319  ? 4 DG C OP1   1 
ATOM 64  O OP2   . DG A 1 4 ? 0.53280   5.47819   -2.64672  1.000 61.72633  ? 4 DG C OP2   1 
ATOM 65  O "O5'" . DG A 1 4 ? -0.84646  3.58927   -1.91927  1.000 55.14643  ? 4 DG C "O5'" 1 
ATOM 66  C "C5'" . DG A 1 4 ? -1.98517  3.94618   -2.66149  1.000 63.75568  ? 4 DG C "C5'" 1 
ATOM 67  C "C4'" . DG A 1 4 ? -3.25582  3.54372   -1.98243  1.000 62.87882  ? 4 DG C "C4'" 1 
ATOM 68  O "O4'" . DG A 1 4 ? -3.89589  2.45868   -2.71575  1.000 64.64363  ? 4 DG C "O4'" 1 
ATOM 69  C "C3'" . DG A 1 4 ? -3.09967  3.02936   -0.56423  1.000 62.62533  ? 4 DG C "C3'" 1 
ATOM 70  O "O3'" . DG A 1 4 ? -4.29367  3.30302   0.08462   1.000 68.10926  ? 4 DG C "O3'" 1 
ATOM 71  C "C2'" . DG A 1 4 ? -3.01637  1.54193   -0.81903  1.000 70.80505  ? 4 DG C "C2'" 1 
ATOM 72  C "C1'" . DG A 1 4 ? -4.19042  1.47823   -1.76711  1.000 72.76246  ? 4 DG C "C1'" 1 
ATOM 73  N N9    . DG A 1 4 ? -4.41993  0.19670   -2.38788  1.000 78.96763  ? 4 DG C N9    1 
ATOM 74  C C8    . DG A 1 4 ? -3.48152  -0.73821  -2.74915  1.000 81.08487  ? 4 DG C C8    1 
ATOM 75  N N7    . DG A 1 4 ? -4.00624  -1.81905  -3.25307  1.000 84.37397  ? 4 DG C N7    1 
ATOM 76  C C5    . DG A 1 4 ? -5.37732  -1.58189  -3.20531  1.000 80.33090  ? 4 DG C C5    1 
ATOM 77  C C6    . DG A 1 4 ? -6.44304  -2.39425  -3.61534  1.000 78.23697  ? 4 DG C C6    1 
ATOM 78  O O6    . DG A 1 4 ? -6.38800  -3.51051  -4.11603  1.000 83.56933  ? 4 DG C O6    1 
ATOM 79  N N1    . DG A 1 4 ? -7.67381  -1.79364  -3.39086  1.000 76.32602  ? 4 DG C N1    1 
ATOM 80  C C2    . DG A 1 4 ? -7.84502  -0.55403  -2.83964  1.000 80.22734  ? 4 DG C C2    1 
ATOM 81  N N2    . DG A 1 4 ? -9.11524  -0.13323  -2.69855  1.000 85.92488  ? 4 DG C N2    1 
ATOM 82  N N3    . DG A 1 4 ? -6.84289  0.22867   -2.45199  1.000 76.93753  ? 4 DG C N3    1 
ATOM 83  C C4    . DG A 1 4 ? -5.64060  -0.35682  -2.66768  1.000 78.14838  ? 4 DG C C4    1 
ATOM 84  P P     . DG A 1 5 ? -4.32258  3.90609   1.56299   1.000 71.99981  ? 5 DG C P     1 
ATOM 85  O OP1   . DG A 1 5 ? -3.41795  5.07455   1.45314   1.000 71.55249  ? 5 DG C OP1   1 
ATOM 86  O OP2   . DG A 1 5 ? -4.01420  2.85942   2.57442   1.000 65.32155  ? 5 DG C OP2   1 
ATOM 87  O "O5'" . DG A 1 5 ? -5.86761  4.32571   1.72617   1.000 63.27302  ? 5 DG C "O5'" 1 
ATOM 88  C "C5'" . DG A 1 5 ? -6.76506  4.16730   0.62192   1.000 60.61141  ? 5 DG C "C5'" 1 
ATOM 89  C "C4'" . DG A 1 5 ? -7.96554  3.35230   1.04301   1.000 69.33420  ? 5 DG C "C4'" 1 
ATOM 90  O "O4'" . DG A 1 5 ? -7.95139  2.07106   0.36777   1.000 69.64935  ? 5 DG C "O4'" 1 
ATOM 91  C "C3'" . DG A 1 5 ? -8.02043  3.05692   2.54201   1.000 73.48394  ? 5 DG C "C3'" 1 
ATOM 92  O "O3'" . DG A 1 5 ? -9.23271  3.55687   3.09735   1.000 79.58574  ? 5 DG C "O3'" 1 
ATOM 93  C "C2'" . DG A 1 5 ? -7.93396  1.53480   2.63759   1.000 74.33256  ? 5 DG C "C2'" 1 
ATOM 94  C "C1'" . DG A 1 5 ? -8.34691  1.05790   1.25893   1.000 71.34583  ? 5 DG C "C1'" 1 
ATOM 95  N N9    . DG A 1 5 ? -7.63662  -0.15421  0.89573   1.000 74.14787  ? 5 DG C N9    1 
ATOM 96  C C8    . DG A 1 5 ? -6.29849  -0.37015  1.05532   1.000 79.14039  ? 5 DG C C8    1 
ATOM 97  N N7    . DG A 1 5 ? -5.90774  -1.54298  0.66347   1.000 83.25288  ? 5 DG C N7    1 
ATOM 98  C C5    . DG A 1 5 ? -7.06099  -2.15427  0.22418   1.000 78.14944  ? 5 DG C C5    1 
ATOM 99  C C6    . DG A 1 5 ? -7.23849  -3.43723  -0.30695  1.000 79.22711  ? 5 DG C C6    1 
ATOM 100 O O6    . DG A 1 5 ? -6.37398  -4.30183  -0.50479  1.000 81.26571  ? 5 DG C O6    1 
ATOM 101 N N1    . DG A 1 5 ? -8.56655  -3.68512  -0.62369  1.000 75.98296  ? 5 DG C N1    1 
ATOM 102 C C2    . DG A 1 5 ? -9.58998  -2.79087  -0.45120  1.000 76.14718  ? 5 DG C C2    1 
ATOM 103 N N2    . DG A 1 5 ? -10.79873 -3.20327  -0.81979  1.000 77.18127  ? 5 DG C N2    1 
ATOM 104 N N3    . DG A 1 5 ? -9.43470  -1.56998  0.04428   1.000 79.06402  ? 5 DG C N3    1 
ATOM 105 C C4    . DG A 1 5 ? -8.14539  -1.32170  0.36273   1.000 76.21728  ? 5 DG C C4    1 
ATOM 106 P P     . DA A 1 6 ? -9.70321  3.15567   4.58856   1.000 85.72014  ? 6 DA C P     1 
ATOM 107 O OP1   . DA A 1 6 ? -10.23545 4.39012   5.19733   1.000 94.07289  ? 6 DA C OP1   1 
ATOM 108 O OP2   . DA A 1 6 ? -8.64571  2.44838   5.34542   1.000 73.15021  ? 6 DA C OP2   1 
ATOM 109 O "O5'" . DA A 1 6 ? -10.92292 2.15222   4.33275   1.000 73.82303  ? 6 DA C "O5'" 1 
ATOM 110 C "C5'" . DA A 1 6 ? -11.63573 2.15892   3.08170   1.000 65.81929  ? 6 DA C "C5'" 1 
ATOM 111 C "C4'" . DA A 1 6 ? -12.59354 0.98955   3.04745   1.000 71.21403  ? 6 DA C "C4'" 1 
ATOM 112 O "O4'" . DA A 1 6 ? -11.89872 -0.18158  2.52433   1.000 77.30496  ? 6 DA C "O4'" 1 
ATOM 113 C "C3'" . DA A 1 6 ? -13.10158 0.57267   4.44174   1.000 76.40663  ? 6 DA C "C3'" 1 
ATOM 114 O "O3'" . DA A 1 6 ? -14.40850 0.00827   4.37212   1.000 82.19342  ? 6 DA C "O3'" 1 
ATOM 115 C "C2'" . DA A 1 6 ? -12.10014 -0.48368  4.83305   1.000 78.09928  ? 6 DA C "C2'" 1 
ATOM 116 C "C1'" . DA A 1 6 ? -11.96152 -1.20808  3.50519   1.000 79.38334  ? 6 DA C "C1'" 1 
ATOM 117 N N9    . DA A 1 6 ? -10.78842 -2.10503  3.45819   1.000 78.51324  ? 6 DA C N9    1 
ATOM 118 C C8    . DA A 1 6 ? -9.59022  -1.94543  4.10841   1.000 75.43317  ? 6 DA C C8    1 
ATOM 119 N N7    . DA A 1 6 ? -8.75157  -2.93781  3.92667   1.000 71.52305  ? 6 DA C N7    1 
ATOM 120 C C5    . DA A 1 6 ? -9.45052  -3.81829  3.13050   1.000 72.46505  ? 6 DA C C5    1 
ATOM 121 C C6    . DA A 1 6 ? -9.11801  -5.06718  2.59021   1.000 73.04106  ? 6 DA C C6    1 
ATOM 122 N N6    . DA A 1 6 ? -7.94697  -5.65642  2.77818   1.000 71.90736  ? 6 DA C N6    1 
ATOM 123 N N1    . DA A 1 6 ? -10.03769 -5.68660  1.83966   1.000 78.26779  ? 6 DA C N1    1 
ATOM 124 C C2    . DA A 1 6 ? -11.21840 -5.09060  1.64909   1.000 80.30338  ? 6 DA C C2    1 
ATOM 125 N N3    . DA A 1 6 ? -11.64797 -3.91674  2.09619   1.000 77.47697  ? 6 DA C N3    1 
ATOM 126 C C4    . DA A 1 6 ? -10.70985 -3.32824  2.84210   1.000 76.03280  ? 6 DA C C4    1 
ATOM 127 O "O5'" . DC B 2 1 ? 19.63996  -1.09536  -3.58540  1.000 45.52440  ? 1 DC A "O5'" 1 
ATOM 128 C "C5'" . DC B 2 1 ? 19.92581  -0.27990  -4.75590  1.000 45.26256  ? 1 DC A "C5'" 1 
ATOM 129 C "C4'" . DC B 2 1 ? 20.05765  1.16554   -4.35076  1.000 43.38754  ? 1 DC A "C4'" 1 
ATOM 130 O "O4'" . DC B 2 1 ? 19.03287  1.93367   -5.02820  1.000 40.47882  ? 1 DC A "O4'" 1 
ATOM 131 C "C3'" . DC B 2 1 ? 19.82414  1.34881   -2.86085  1.000 45.60904  ? 1 DC A "C3'" 1 
ATOM 132 O "O3'" . DC B 2 1 ? 20.67559  2.28487   -2.27339  1.000 42.50036  ? 1 DC A "O3'" 1 
ATOM 133 C "C2'" . DC B 2 1 ? 18.38973  1.78884   -2.77379  1.000 49.47493  ? 1 DC A "C2'" 1 
ATOM 134 C "C1'" . DC B 2 1 ? 18.14229  2.48978   -4.09271  1.000 43.10792  ? 1 DC A "C1'" 1 
ATOM 135 N N1    . DC B 2 1 ? 16.75632  2.26295   -4.53109  1.000 41.87741  ? 1 DC A N1    1 
ATOM 136 C C2    . DC B 2 1 ? 15.84327  3.31154   -4.52004  1.000 44.16055  ? 1 DC A C2    1 
ATOM 137 O O2    . DC B 2 1 ? 16.23057  4.44534   -4.21662  1.000 48.08895  ? 1 DC A O2    1 
ATOM 138 N N3    . DC B 2 1 ? 14.56214  3.06475   -4.87116  1.000 41.62736  ? 1 DC A N3    1 
ATOM 139 C C4    . DC B 2 1 ? 14.18530  1.83687   -5.18839  1.000 39.93436  ? 1 DC A C4    1 
ATOM 140 N N4    . DC B 2 1 ? 12.91758  1.63708   -5.53109  1.000 40.37232  ? 1 DC A N4    1 
ATOM 141 C C5    . DC B 2 1 ? 15.08899  0.76000   -5.17503  1.000 44.57413  ? 1 DC A C5    1 
ATOM 142 C C6    . DC B 2 1 ? 16.35101  1.01210   -4.82515  1.000 43.73337  ? 1 DC A C6    1 
ATOM 143 P P     . DG B 2 2 ? 20.66464  2.39418   -0.66387  1.000 49.40702  ? 2 DG A P     1 
ATOM 144 O OP1   . DG B 2 2 ? 22.01571  2.77812   -0.20888  1.000 62.45172  ? 2 DG A OP1   1 
ATOM 145 O OP2   . DG B 2 2 ? 19.97268  1.24269   -0.03785  1.000 47.38559  ? 2 DG A OP2   1 
ATOM 146 O "O5'" . DG B 2 2 ? 19.72459  3.61881   -0.39054  1.000 44.20140  ? 2 DG A "O5'" 1 
ATOM 147 C "C5'" . DG B 2 2 ? 20.06025  4.84880   -0.91583  1.000 46.78237  ? 2 DG A "C5'" 1 
ATOM 148 C "C4'" . DG B 2 2 ? 19.10528  5.87468   -0.40487  1.000 51.09071  ? 2 DG A "C4'" 1 
ATOM 149 O "O4'" . DG B 2 2 ? 17.83339  5.64744   -1.03612  1.000 49.17683  ? 2 DG A "O4'" 1 
ATOM 150 C "C3'" . DG B 2 2 ? 18.82337  5.80141   1.09835   1.000 55.32644  ? 2 DG A "C3'" 1 
ATOM 151 O "O3'" . DG B 2 2 ? 18.40494  7.07649   1.53213   1.000 56.85821  ? 2 DG A "O3'" 1 
ATOM 152 C "C2'" . DG B 2 2 ? 17.66943  4.81514   1.14880   1.000 48.47717  ? 2 DG A "C2'" 1 
ATOM 153 C "C1'" . DG B 2 2 ? 16.88511  5.29694   -0.05421  1.000 49.85317  ? 2 DG A "C1'" 1 
ATOM 154 N N9    . DG B 2 2 ? 15.99676  4.30240   -0.60422  1.000 47.76168  ? 2 DG A N9    1 
ATOM 155 C C8    . DG B 2 2 ? 16.25215  2.97796   -0.81171  1.000 47.49532  ? 2 DG A C8    1 
ATOM 156 N N7    . DG B 2 2 ? 15.24921  2.33075   -1.32327  1.000 43.32387  ? 2 DG A N7    1 
ATOM 157 C C5    . DG B 2 2 ? 14.27184  3.29440   -1.43766  1.000 42.67079  ? 2 DG A C5    1 
ATOM 158 C C6    . DG B 2 2 ? 12.97359  3.18608   -1.91251  1.000 44.46554  ? 2 DG A C6    1 
ATOM 159 O O6    . DG B 2 2 ? 12.40859  2.16502   -2.34682  1.000 46.18093  ? 2 DG A O6    1 
ATOM 160 N N1    . DG B 2 2 ? 12.30171  4.42321   -1.85904  1.000 43.86735  ? 2 DG A N1    1 
ATOM 161 C C2    . DG B 2 2 ? 12.85212  5.59941   -1.39538  1.000 43.24716  ? 2 DG A C2    1 
ATOM 162 N N2    . DG B 2 2 ? 12.07085  6.68770   -1.41270  1.000 44.31275  ? 2 DG A N2    1 
ATOM 163 N N3    . DG B 2 2 ? 14.07613  5.69845   -0.95059  1.000 44.58978  ? 2 DG A N3    1 
ATOM 164 C C4    . DG B 2 2 ? 14.72102  4.51052   -0.99748  1.000 44.70728  ? 2 DG A C4    1 
ATOM 165 P P     . DA B 2 3 ? 18.09573  7.39844   3.07792   1.000 56.14690  ? 3 DA A P     1 
ATOM 166 O OP1   . DA B 2 3 ? 19.41909  7.79154   3.62447   1.000 52.43989  ? 3 DA A OP1   1 
ATOM 167 O OP2   . DA B 2 3 ? 17.29784  6.35777   3.79811   1.000 47.11693  ? 3 DA A OP2   1 
ATOM 168 O "O5'" . DA B 2 3 ? 17.10386  8.63956   2.92011   1.000 53.39522  ? 3 DA A "O5'" 1 
ATOM 169 C "C5'" . DA B 2 3 ? 16.09425  8.60082   1.88747   1.000 52.10666  ? 3 DA A "C5'" 1 
ATOM 170 C "C4'" . DA B 2 3 ? 14.77775  9.10456   2.43920   1.000 51.60794  ? 3 DA A "C4'" 1 
ATOM 171 O "O4'" . DA B 2 3 ? 13.67764  8.25334   2.00206   1.000 47.81182  ? 3 DA A "O4'" 1 
ATOM 172 C "C3'" . DA B 2 3 ? 14.70665  9.06033   3.94251   1.000 53.71938  ? 3 DA A "C3'" 1 
ATOM 173 O "O3'" . DA B 2 3 ? 13.70350  9.89904   4.34549   1.000 55.49334  ? 3 DA A "O3'" 1 
ATOM 174 C "C2'" . DA B 2 3 ? 14.31402  7.61442   4.17283   1.000 51.38891  ? 3 DA A "C2'" 1 
ATOM 175 C "C1'" . DA B 2 3 ? 13.26241  7.43720   3.08699   1.000 47.76539  ? 3 DA A "C1'" 1 
ATOM 176 N N9    . DA B 2 3 ? 13.16678  6.06478   2.63344   1.000 46.90281  ? 3 DA A N9    1 
ATOM 177 C C8    . DA B 2 3 ? 14.15029  5.11635   2.68086   1.000 52.92217  ? 3 DA A C8    1 
ATOM 178 N N7    . DA B 2 3 ? 13.78848  3.94776   2.20509   1.000 49.26367  ? 3 DA A N7    1 
ATOM 179 C C5    . DA B 2 3 ? 12.48093  4.15059   1.83311   1.000 46.01150  ? 3 DA A C5    1 
ATOM 180 C C6    . DA B 2 3 ? 11.53573  3.30076   1.26688   1.000 45.90250  ? 3 DA A C6    1 
ATOM 181 N N6    . DA B 2 3 ? 11.80039  2.02255   0.97736   1.000 47.53403  ? 3 DA A N6    1 
ATOM 182 N N1    . DA B 2 3 ? 10.30155  3.81296   1.00243   1.000 44.58334  ? 3 DA A N1    1 
ATOM 183 C C2    . DA B 2 3 ? 10.06618  5.09374   1.30071   1.000 45.60367  ? 3 DA A C2    1 
ATOM 184 N N3    . DA B 2 3 ? 10.88778  5.98808   1.84743   1.000 47.61431  ? 3 DA A N3    1 
ATOM 185 C C4    . DA B 2 3 ? 12.08242  5.44945   2.09024   1.000 45.34299  ? 3 DA A C4    1 
ATOM 186 P P     . DC B 2 4 ? 13.54438  10.30939  5.88321   1.000 66.18012  ? 4 DC A P     1 
ATOM 187 O OP1   . DC B 2 4 ? 14.41930  11.51606  5.97663   1.000 61.63272  ? 4 DC A OP1   1 
ATOM 188 O OP2   . DC B 2 4 ? 13.81488  9.15426   6.79547   1.000 63.95850  ? 4 DC A OP2   1 
ATOM 189 O "O5'" . DC B 2 4 ? 11.96520  10.63232  5.97164   1.000 51.86259  ? 4 DC A "O5'" 1 
ATOM 190 C "C5'" . DC B 2 4 ? 11.15282  10.38762  4.81570   1.000 49.04926  ? 4 DC A "C5'" 1 
ATOM 191 C "C4'" . DC B 2 4 ? 9.81964   9.82615   5.21799   1.000 53.20556  ? 4 DC A "C4'" 1 
ATOM 192 O "O4'" . DC B 2 4 ? 9.67429   8.45126   4.74042   1.000 55.54277  ? 4 DC A "O4'" 1 
ATOM 193 C "C3'" . DC B 2 4 ? 9.61139   9.74715   6.71732   1.000 58.11872  ? 4 DC A "C3'" 1 
ATOM 194 O "O3'" . DC B 2 4 ? 8.22705   9.86230   6.95603   1.000 60.67609  ? 4 DC A "O3'" 1 
ATOM 195 C "C2'" . DC B 2 4 ? 10.12519  8.33900   7.02648   1.000 54.54661  ? 4 DC A "C2'" 1 
ATOM 196 C "C1'" . DC B 2 4 ? 9.50440   7.58451   5.86266   1.000 55.36948  ? 4 DC A "C1'" 1 
ATOM 197 N N1    . DC B 2 4 ? 10.14829  6.24966   5.58098   1.000 50.42506  ? 4 DC A N1    1 
ATOM 198 C C2    . DC B 2 4 ? 9.41382   5.22159   4.95201   1.000 47.98694  ? 4 DC A C2    1 
ATOM 199 O O2    . DC B 2 4 ? 8.23386   5.42603   4.61438   1.000 46.21337  ? 4 DC A O2    1 
ATOM 200 N N3    . DC B 2 4 ? 10.02961  4.04222   4.71136   1.000 47.67646  ? 4 DC A N3    1 
ATOM 201 C C4    . DC B 2 4 ? 11.30394  3.86838   5.07289   1.000 48.10632  ? 4 DC A C4    1 
ATOM 202 N N4    . DC B 2 4 ? 11.87710  2.68980   4.81683   1.000 48.40846  ? 4 DC A N4    1 
ATOM 203 C C5    . DC B 2 4 ? 12.04744  4.88927   5.71718   1.000 49.24759  ? 4 DC A C5    1 
ATOM 204 C C6    . DC B 2 4 ? 11.43818  6.04627   5.95393   1.000 49.71488  ? 4 DC A C6    1 
ATOM 205 P P     . DG B 2 5 ? 7.62570   9.71918   8.43013   1.000 58.71173  ? 5 DG A P     1 
ATOM 206 O OP1   . DG B 2 5 ? 6.80761   10.93426  8.60720   1.000 67.27114  ? 5 DG A OP1   1 
ATOM 207 O OP2   . DG B 2 5 ? 8.71040   9.38622   9.38904   1.000 62.48869  ? 5 DG A OP2   1 
ATOM 208 O "O5'" . DG B 2 5 ? 6.63150   8.48445   8.31813   1.000 49.91270  ? 5 DG A "O5'" 1 
ATOM 209 C "C5'" . DG B 2 5 ? 5.91675   8.27284   7.11523   1.000 52.17362  ? 5 DG A "C5'" 1 
ATOM 210 C "C4'" . DG B 2 5 ? 4.79971   7.27437   7.32287   1.000 55.12120  ? 5 DG A "C4'" 1 
ATOM 211 O "O4'" . DG B 2 5 ? 5.27534   5.94484   7.02796   1.000 58.05891  ? 5 DG A "O4'" 1 
ATOM 212 C "C3'" . DG B 2 5 ? 4.29110   7.17865   8.74513   1.000 59.46010  ? 5 DG A "C3'" 1 
ATOM 213 O "O3'" . DG B 2 5 ? 3.02069   6.57101   8.72700   1.000 62.58579  ? 5 DG A "O3'" 1 
ATOM 214 C "C2'" . DG B 2 5 ? 5.31972   6.25720   9.37919   1.000 55.15364  ? 5 DG A "C2'" 1 
ATOM 215 C "C1'" . DG B 2 5 ? 5.51295   5.25107   8.25052   1.000 58.10083  ? 5 DG A "C1'" 1 
ATOM 216 N N9    . DG B 2 5 ? 6.84464   4.61874   8.22226   1.000 55.71076  ? 5 DG A N9    1 
ATOM 217 C C8    . DG B 2 5 ? 8.03958   5.12717   8.69918   1.000 55.18962  ? 5 DG A C8    1 
ATOM 218 N N7    . DG B 2 5 ? 9.05526   4.31769   8.52834   1.000 51.90021  ? 5 DG A N7    1 
ATOM 219 C C5    . DG B 2 5 ? 8.49495   3.20679   7.91717   1.000 50.03165  ? 5 DG A C5    1 
ATOM 220 C C6    . DG B 2 5 ? 9.09638   1.99976   7.50153   1.000 53.21545  ? 5 DG A C6    1 
ATOM 221 O O6    . DG B 2 5 ? 10.29420  1.66087   7.59340   1.000 54.10771  ? 5 DG A O6    1 
ATOM 222 N N1    . DG B 2 5 ? 8.14685   1.11948   6.91714   1.000 52.34186  ? 5 DG A N1    1 
ATOM 223 C C2    . DG B 2 5 ? 6.79696   1.39804   6.77524   1.000 49.91276  ? 5 DG A C2    1 
ATOM 224 N N2    . DG B 2 5 ? 6.02632   0.45466   6.20345   1.000 46.35760  ? 5 DG A N2    1 
ATOM 225 N N3    . DG B 2 5 ? 6.23613   2.53293   7.16393   1.000 48.97338  ? 5 DG A N3    1 
ATOM 226 C C4    . DG B 2 5 ? 7.13585   3.37995   7.72510   1.000 50.67613  ? 5 DG A C4    1 
ATOM 227 P P     . DT C 3 1 ? -7.33919  -15.17494 0.16793   1.000 89.99396  ? 1 DT B P     1 
ATOM 228 O OP1   . DT C 3 1 ? -6.77207  -16.52844 -0.02910  1.000 84.86512  ? 1 DT B OP1   1 
ATOM 229 O OP2   . DT C 3 1 ? -6.84788  -14.06457 -0.69016  1.000 81.22856  ? 1 DT B OP2   1 
ATOM 230 O "O5'" . DT C 3 1 ? -8.93618  -15.26683 -0.01527  1.000 87.29460  ? 1 DT B "O5'" 1 
ATOM 231 C "C5'" . DT C 3 1 ? -9.82079  -14.81749 1.02309   1.000 81.66935  ? 1 DT B "C5'" 1 
ATOM 232 C "C4'" . DT C 3 1 ? -10.79960 -13.75370 0.51162   1.000 89.38966  ? 1 DT B "C4'" 1 
ATOM 233 O "O4'" . DT C 3 1 ? -10.42866 -12.42921 1.01452   1.000 89.66084  ? 1 DT B "O4'" 1 
ATOM 234 C "C3'" . DT C 3 1 ? -10.89701 -13.58019 -1.00564  1.000 89.42060  ? 1 DT B "C3'" 1 
ATOM 235 O "O3'" . DT C 3 1 ? -12.22317 -13.12947 -1.30810  1.000 88.95853  ? 1 DT B "O3'" 1 
ATOM 236 C "C2'" . DT C 3 1 ? -9.87060  -12.47464 -1.24373  1.000 86.23642  ? 1 DT B "C2'" 1 
ATOM 237 C "C1'" . DT C 3 1 ? -10.22305 -11.55651 -0.08644  1.000 84.18182  ? 1 DT B "C1'" 1 
ATOM 238 N N1    . DT C 3 1 ? -9.15784  -10.57959 0.26480   1.000 76.34838  ? 1 DT B N1    1 
ATOM 239 C C2    . DT C 3 1 ? -9.48605  -9.46167  0.98567   1.000 75.13629  ? 1 DT B C2    1 
ATOM 240 O O2    . DT C 3 1 ? -10.61409 -9.21940  1.35956   1.000 78.38345  ? 1 DT B O2    1 
ATOM 241 N N3    . DT C 3 1 ? -8.44262  -8.63775  1.26483   1.000 71.56840  ? 1 DT B N3    1 
ATOM 242 C C4    . DT C 3 1 ? -7.13242  -8.81591  0.89910   1.000 71.63382  ? 1 DT B C4    1 
ATOM 243 O O4    . DT C 3 1 ? -6.26226  -8.02361  1.19408   1.000 73.30758  ? 1 DT B O4    1 
ATOM 244 C C5    . DT C 3 1 ? -6.85494  -9.99840  0.14344   1.000 75.57665  ? 1 DT B C5    1 
ATOM 245 C C7    . DT C 3 1 ? -5.45702  -10.28645 -0.30602  1.000 82.95492  ? 1 DT B C7    1 
ATOM 246 C C6    . DT C 3 1 ? -7.86860  -10.81735 -0.13641  1.000 76.90743  ? 1 DT B C6    1 
ATOM 247 P P     . DC C 3 2 ? -12.70194 -12.79691 -2.80875  1.000 98.51932  ? 2 DC B P     1 
ATOM 248 O OP1   . DC C 3 2 ? -13.48088 -13.97274 -3.25669  1.000 109.04650 ? 2 DC B OP1   1 
ATOM 249 O OP2   . DC C 3 2 ? -11.58290 -12.28144 -3.63907  1.000 91.31660  ? 2 DC B OP2   1 
ATOM 250 O "O5'" . DC C 3 2 ? -13.74742 -11.60785 -2.59595  1.000 91.17497  ? 2 DC B "O5'" 1 
ATOM 251 C "C5'" . DC C 3 2 ? -13.83783 -10.97871 -1.31781  1.000 91.36538  ? 2 DC B "C5'" 1 
ATOM 252 C "C4'" . DC C 3 2 ? -14.10624 -9.49470  -1.46979  1.000 87.61212  ? 2 DC B "C4'" 1 
ATOM 253 O "O4'" . DC C 3 2 ? -12.91343 -8.72836  -1.11022  1.000 86.34448  ? 2 DC B "O4'" 1 
ATOM 254 C "C3'" . DC C 3 2 ? -14.44977 -9.06213  -2.88539  1.000 86.96260  ? 2 DC B "C3'" 1 
ATOM 255 O "O3'" . DC C 3 2 ? -15.31402 -7.96311  -2.81631  1.000 90.46557  ? 2 DC B "O3'" 1 
ATOM 256 C "C2'" . DC C 3 2 ? -13.08266 -8.64892  -3.42202  1.000 88.00937  ? 2 DC B "C2'" 1 
ATOM 257 C "C1'" . DC C 3 2 ? -12.54698 -7.91931  -2.20868  1.000 82.84235  ? 2 DC B "C1'" 1 
ATOM 258 N N1    . DC C 3 2 ? -11.05583 -7.69414  -2.22307  1.000 79.83472  ? 2 DC B N1    1 
ATOM 259 C C2    . DC C 3 2 ? -10.54434 -6.51407  -1.67277  1.000 76.17606  ? 2 DC B C2    1 
ATOM 260 O O2    . DC C 3 2 ? -11.33637 -5.71499  -1.16593  1.000 74.91877  ? 2 DC B O2    1 
ATOM 261 N N3    . DC C 3 2 ? -9.20408  -6.29223  -1.69150  1.000 72.09157  ? 2 DC B N3    1 
ATOM 262 C C4    . DC C 3 2 ? -8.39119  -7.20286  -2.25207  1.000 73.52796  ? 2 DC B C4    1 
ATOM 263 N N4    . DC C 3 2 ? -7.07685  -6.95831  -2.26099  1.000 67.64708  ? 2 DC B N4    1 
ATOM 264 C C5    . DC C 3 2 ? -8.89789  -8.40933  -2.82986  1.000 81.21823  ? 2 DC B C5    1 
ATOM 265 C C6    . DC C 3 2 ? -10.22512 -8.60958  -2.80074  1.000 80.34654  ? 2 DC B C6    1 
ATOM 266 P P     . DC C 3 3 ? -16.10214 -7.45310  -4.12070  1.000 101.10919 ? 3 DC B P     1 
ATOM 267 O OP1   . DC C 3 3 ? -17.30411 -8.31248  -4.21129  1.000 101.35473 ? 3 DC B OP1   1 
ATOM 268 O OP2   . DC C 3 3 ? -15.17775 -7.33695  -5.27745  1.000 91.32971  ? 3 DC B OP2   1 
ATOM 269 O "O5'" . DC C 3 3 ? -16.53602 -5.96285  -3.72249  1.000 92.36979  ? 3 DC B "O5'" 1 
ATOM 270 C "C5'" . DC C 3 3 ? -16.13488 -5.42870  -2.46270  1.000 87.13410  ? 3 DC B "C5'" 1 
ATOM 271 C "C4'" . DC C 3 3 ? -15.69525 -3.99556  -2.61833  1.000 81.90523  ? 3 DC B "C4'" 1 
ATOM 272 O "O4'" . DC C 3 3 ? -14.24243 -3.89423  -2.56849  1.000 82.95594  ? 3 DC B "O4'" 1 
ATOM 273 C "C3'" . DC C 3 3 ? -16.09462 -3.35893  -3.93071  1.000 81.52709  ? 3 DC B "C3'" 1 
ATOM 274 O "O3'" . DC C 3 3 ? -16.36653 -2.03610  -3.68754  1.000 84.39220  ? 3 DC B "O3'" 1 
ATOM 275 C "C2'" . DC C 3 3 ? -14.82890 -3.49422  -4.76615  1.000 84.55672  ? 3 DC B "C2'" 1 
ATOM 276 C "C1'" . DC C 3 3 ? -13.78774 -3.18173  -3.70521  1.000 84.53487  ? 3 DC B "C1'" 1 
ATOM 277 N N1    . DC C 3 3 ? -12.40504 -3.66330  -4.04801  1.000 82.87906  ? 3 DC B N1    1 
ATOM 278 C C2    . DC C 3 3 ? -11.26511 -2.85264  -3.80467  1.000 75.61743  ? 3 DC B C2    1 
ATOM 279 O O2    . DC C 3 3 ? -11.39832 -1.72525  -3.30444  1.000 69.72306  ? 3 DC B O2    1 
ATOM 280 N N3    . DC C 3 3 ? -10.04263 -3.35141  -4.12392  1.000 74.04414  ? 3 DC B N3    1 
ATOM 281 C C4    . DC C 3 3 ? -9.93779  -4.57687  -4.66317  1.000 76.95014  ? 3 DC B C4    1 
ATOM 282 N N4    . DC C 3 3 ? -8.72214  -5.03330  -4.96943  1.000 79.41514  ? 3 DC B N4    1 
ATOM 283 C C5    . DC C 3 3 ? -11.07326 -5.39388  -4.91123  1.000 76.77451  ? 3 DC B C5    1 
ATOM 284 C C6    . DC C 3 3 ? -12.26823 -4.90600  -4.59344  1.000 80.60125  ? 3 DC B C6    1 
ATOM 285 P P     . DT C 3 4 ? -17.38427 -1.26702  -4.63537  1.000 90.98414  ? 4 DT B P     1 
ATOM 286 O OP1   . DT C 3 4 ? -18.46493 -0.80840  -3.73584  1.000 91.55388  ? 4 DT B OP1   1 
ATOM 287 O OP2   . DT C 3 4 ? -17.59156 -2.16791  -5.80866  1.000 80.57415  ? 4 DT B OP2   1 
ATOM 288 O "O5'" . DT C 3 4 ? -16.58956 0.03687   -5.09841  1.000 87.49017  ? 4 DT B "O5'" 1 
ATOM 289 C "C5'" . DT C 3 4 ? -15.84378 0.77680   -4.15131  1.000 86.58378  ? 4 DT B "C5'" 1 
ATOM 290 C "C4'" . DT C 3 4 ? -14.75171 1.55760   -4.85239  1.000 87.20873  ? 4 DT B "C4'" 1 
ATOM 291 O "O4'" . DT C 3 4 ? -13.56440 0.72860   -5.03357  1.000 86.73594  ? 4 DT B "O4'" 1 
ATOM 292 C "C3'" . DT C 3 4 ? -15.13389 2.04450   -6.25031  1.000 85.61641  ? 4 DT B "C3'" 1 
ATOM 293 O "O3'" . DT C 3 4 ? -14.76126 3.37340   -6.38243  1.000 87.42770  ? 4 DT B "O3'" 1 
ATOM 294 C "C2'" . DT C 3 4 ? -14.31397 1.15002   -7.17759  1.000 84.22857  ? 4 DT B "C2'" 1 
ATOM 295 C "C1'" . DT C 3 4 ? -13.07424 0.95228   -6.33306  1.000 82.41473  ? 4 DT B "C1'" 1 
ATOM 296 N N1    . DT C 3 4 ? -12.22755 -0.19334  -6.75584  1.000 77.01779  ? 4 DT B N1    1 
ATOM 297 C C2    . DT C 3 4 ? -10.87969 -0.09442  -6.61432  1.000 77.35534  ? 4 DT B C2    1 
ATOM 298 O O2    . DT C 3 4 ? -10.33972 0.87983   -6.14437  1.000 81.14659  ? 4 DT B O2    1 
ATOM 299 N N3    . DT C 3 4 ? -10.17514 -1.17986  -7.03876  1.000 78.71033  ? 4 DT B N3    1 
ATOM 300 C C4    . DT C 3 4 ? -10.67955 -2.33356  -7.59156  1.000 77.79113  ? 4 DT B C4    1 
ATOM 301 O O4    . DT C 3 4 ? -9.95973  -3.26455  -7.94718  1.000 76.63010  ? 4 DT B O4    1 
ATOM 302 C C5    . DT C 3 4 ? -12.10984 -2.36932  -7.72222  1.000 78.42247  ? 4 DT B C5    1 
ATOM 303 C C7    . DT C 3 4 ? -12.77987 -3.57139  -8.31178  1.000 87.92085  ? 4 DT B C7    1 
ATOM 304 C C6    . DT C 3 4 ? -12.80831 -1.30643  -7.30585  1.000 77.66793  ? 4 DT B C6    1 
ATOM 305 P P     . DA C 3 5 ? -15.85635 4.46841   -6.78822  1.000 88.31112  ? 5 DA B P     1 
ATOM 306 O OP1   . DA C 3 5 ? -17.01468 4.37272   -5.87185  1.000 89.38477  ? 5 DA B OP1   1 
ATOM 307 O OP2   . DA C 3 5 ? -16.09258 4.26176   -8.24149  1.000 78.97021  ? 5 DA B OP2   1 
ATOM 308 O "O5'" . DA C 3 5 ? -15.10343 5.85192   -6.47069  1.000 81.72169  ? 5 DA B "O5'" 1 
ATOM 309 C "C5'" . DA C 3 5 ? -14.27310 6.46456   -7.45797  1.000 80.44620  ? 5 DA B "C5'" 1 
ATOM 310 C "C4'" . DA C 3 5 ? -12.83034 6.56405   -7.00043  1.000 70.16382  ? 5 DA B "C4'" 1 
ATOM 311 O "O4'" . DA C 3 5 ? -12.18820 5.28586   -7.17854  1.000 73.87984  ? 5 DA B "O4'" 1 
ATOM 312 C "C3'" . DA C 3 5 ? -11.98909 7.44521   -7.86925  1.000 70.51473  ? 5 DA B "C3'" 1 
ATOM 313 O "O3'" . DA C 3 5 ? -10.71561 7.54528   -7.29055  1.000 67.50741  ? 5 DA B "O3'" 1 
ATOM 314 C "C2'" . DA C 3 5 ? -11.92330 6.57777   -9.11268  1.000 74.37832  ? 5 DA B "C2'" 1 
ATOM 315 C "C1'" . DA C 3 5 ? -11.52760 5.27849   -8.44624  1.000 73.27253  ? 5 DA B "C1'" 1 
ATOM 316 N N9    . DA C 3 5 ? -11.93654 4.07461   -9.13934  1.000 78.00872  ? 5 DA B N9    1 
ATOM 317 C C8    . DA C 3 5 ? -13.19024 3.74082   -9.57362  1.000 78.53378  ? 5 DA B C8    1 
ATOM 318 N N7    . DA C 3 5 ? -13.25567 2.54707   -10.11385 1.000 78.94998  ? 5 DA B N7    1 
ATOM 319 C C5    . DA C 3 5 ? -11.95579 2.06740   -10.00056 1.000 79.49988  ? 5 DA B C5    1 
ATOM 320 C C6    . DA C 3 5 ? -11.34701 0.85109   -10.37106 1.000 78.81395  ? 5 DA B C6    1 
ATOM 321 N N6    . DA C 3 5 ? -11.99173 -0.15149  -10.96469 1.000 81.52477  ? 5 DA B N6    1 
ATOM 322 N N1    . DA C 3 5 ? -10.03972 0.70718   -10.10967 1.000 78.92688  ? 5 DA B N1    1 
ATOM 323 C C2    . DA C 3 5 ? -9.38991  1.70476   -9.51853  1.000 79.43636  ? 5 DA B C2    1 
ATOM 324 N N3    . DA C 3 5 ? -9.85017  2.88176   -9.12395  1.000 78.05027  ? 5 DA B N3    1 
ATOM 325 C C4    . DA C 3 5 ? -11.14649 2.99809   -9.39547  1.000 78.00476  ? 5 DA B C4    1 
# 
loop_
_atom_site_anisotrop.id 
_atom_site_anisotrop.type_symbol 
_atom_site_anisotrop.pdbx_label_atom_id 
_atom_site_anisotrop.pdbx_label_alt_id 
_atom_site_anisotrop.pdbx_label_comp_id 
_atom_site_anisotrop.pdbx_label_asym_id 
_atom_site_anisotrop.pdbx_label_seq_id 
_atom_site_anisotrop.pdbx_PDB_ins_code 
_atom_site_anisotrop.U[1][1] 
_atom_site_anisotrop.U[2][2] 
_atom_site_anisotrop.U[3][3] 
_atom_site_anisotrop.U[1][2] 
_atom_site_anisotrop.U[1][3] 
_atom_site_anisotrop.U[2][3] 
_atom_site_anisotrop.pdbx_auth_seq_id 
_atom_site_anisotrop.pdbx_auth_comp_id 
_atom_site_anisotrop.pdbx_auth_asym_id 
_atom_site_anisotrop.pdbx_auth_atom_id 
1   P P     . DC A 1 ? 1.15758 0.88068 0.87919 0.11500  -0.18276 -0.14492 1 DC C P     
2   O OP1   . DC A 1 ? 1.10492 0.79749 0.81421 0.12876  -0.20549 -0.13271 1 DC C OP1   
3   O OP2   . DC A 1 ? 1.08543 0.84049 0.82093 0.11440  -0.17463 -0.16417 1 DC C OP2   
4   O "O5'" . DC A 1 ? 1.04471 0.75842 0.76732 0.09746  -0.17370 -0.13352 1 DC C "O5'" 
5   C "C5'" . DC A 1 ? 1.01459 0.70063 0.72632 0.09427  -0.17898 -0.11497 1 DC C "C5'" 
6   C "C4'" . DC A 1 ? 0.94621 0.63596 0.66261 0.07755  -0.16112 -0.11136 1 DC C "C4'" 
7   O "O4'" . DC A 1 ? 0.84635 0.56124 0.57034 0.07258  -0.13854 -0.12743 1 DC C "O4'" 
8   C "C3'" . DC A 1 ? 0.97352 0.66637 0.69774 0.06716  -0.15902 -0.10994 1 DC C "C3'" 
9   O "O3'" . DC A 1 ? 0.96312 0.63845 0.68479 0.05641  -0.15710 -0.09415 1 DC C "O3'" 
10  C "C2'" . DC A 1 ? 0.99948 0.72503 0.73689 0.05972  -0.13646 -0.13045 1 DC C "C2'" 
11  C "C1'" . DC A 1 ? 0.87930 0.60735 0.61471 0.05831  -0.12236 -0.13300 1 DC C "C1'" 
12  N N1    . DC A 1 ? 0.84701 0.60207 0.59186 0.05360  -0.10280 -0.15267 1 DC C N1    
13  C C2    . DC A 1 ? 0.83870 0.59825 0.58839 0.04258  -0.07970 -0.15690 1 DC C C2    
14  O O2    . DC A 1 ? 0.81032 0.55277 0.55799 0.03837  -0.07544 -0.14431 1 DC C O2    
15  N N3    . DC A 1 ? 0.80135 0.58144 0.55760 0.03728  -0.06310 -0.17441 1 DC C N3    
16  C C4    . DC A 1 ? 0.82056 0.61615 0.57802 0.04249  -0.06971 -0.18628 1 DC C C4    
17  N N4    . DC A 1 ? 0.77745 0.58744 0.53772 0.03618  -0.05496 -0.20129 1 DC C N4    
18  C C5    . DC A 1 ? 0.88592 0.68008 0.64129 0.05549  -0.09253 -0.18277 1 DC C C5    
19  C C6    . DC A 1 ? 0.86844 0.64152 0.61723 0.06049  -0.10775 -0.16625 1 DC C C6    
20  P P     . DG A 2 ? 1.01471 0.67533 0.73702 0.04843  -0.16770 -0.08073 2 DG C P     
21  O OP1   . DG A 2 ? 1.16276 0.79348 0.87406 0.05596  -0.19482 -0.06333 2 DG C OP1   
22  O OP2   . DG A 2 ? 1.02580 0.70824 0.75710 0.04580  -0.15836 -0.09617 2 DG C OP2   
23  O "O5'" . DG A 2 ? 0.96402 0.61785 0.68975 0.03426  -0.15541 -0.07007 2 DG C "O5'" 
24  C "C5'" . DG A 2 ? 0.95896 0.62507 0.69040 0.03071  -0.13079 -0.08025 2 DG C "C5'" 
25  C "C4'" . DG A 2 ? 0.96776 0.64146 0.71227 0.01808  -0.11031 -0.08362 2 DG C "C4'" 
26  O "O4'" . DG A 2 ? 0.90229 0.60203 0.65619 0.01741  -0.08661 -0.10533 2 DG C "O4'" 
27  C "C3'" . DG A 2 ? 0.95099 0.62685 0.69840 0.01276  -0.11810 -0.08181 2 DG C "C3'" 
28  O "O3'" . DG A 2 ? 0.99023 0.66559 0.74880 0.00115  -0.10178 -0.07951 2 DG C "O3'" 
29  C "C2'" . DG A 2 ? 0.89712 0.60020 0.64931 0.01693  -0.10920 -0.10420 2 DG C "C2'" 
30  C "C1'" . DG A 2 ? 0.87129 0.58927 0.63299 0.01276  -0.08329 -0.11685 2 DG C "C1'" 
31  N N9    . DG A 2 ? 0.81202 0.55709 0.57928 0.01490  -0.07318 -0.13822 2 DG C N9    
32  C C8    . DG A 2 ? 0.79146 0.54616 0.55483 0.02280  -0.08572 -0.14567 2 DG C C8    
33  N N7    . DG A 2 ? 0.75632 0.53328 0.52553 0.02087  -0.07311 -0.16362 2 DG C N7    
34  C C5    . DG A 2 ? 0.76068 0.54370 0.53849 0.01050  -0.05038 -0.16937 2 DG C C5    
35  C C6    . DG A 2 ? 0.74516 0.54563 0.52915 0.00254  -0.02978 -0.18650 2 DG C C6    
36  O O6    . DG A 2 ? 0.78508 0.59429 0.56280 0.00241  -0.02848 -0.19761 2 DG C O6    
37  N N1    . DG A 2 ? 0.71886 0.52269 0.51703 -0.00325 -0.01235 -0.18871 2 DG C N1    
38  C C2    . DG A 2 ? 0.75559 0.54267 0.55746 0.00012  -0.01540 -0.17323 2 DG C C2    
39  N N2    . DG A 2 ? 0.74423 0.53347 0.55899 0.00158  -0.00277 -0.17494 2 DG C N2    
40  N N3    . DG A 2 ? 0.75902 0.52259 0.54823 0.00345  -0.03258 -0.15430 2 DG C N3    
41  C C4    . DG A 2 ? 0.76881 0.53370 0.54760 0.00857  -0.05003 -0.15449 2 DG C C4    
42  P P     . DT A 3 ? 1.06313 0.70160 0.81432 -0.00670 -0.11500 -0.05306 3 DT C P     
43  O OP1   . DT A 3 ? 1.10812 0.71755 0.84564 -0.00333 -0.12844 -0.03707 3 DT C OP1   
44  O OP2   . DT A 3 ? 0.92830 0.56691 0.67825 -0.01007 -0.13333 -0.04509 3 DT C OP2   
45  O "O5'" . DT A 3 ? 0.98119 0.61838 0.74528 -0.01411 -0.08514 -0.05657 3 DT C "O5'" 
46  C "C5'" . DT A 3 ? 0.93568 0.58973 0.70776 -0.00956 -0.06018 -0.07417 3 DT C "C5'" 
47  C "C4'" . DT A 3 ? 0.86147 0.55095 0.65897 -0.01448 -0.03751 -0.09375 3 DT C "C4'" 
48  O "O4'" . DT A 3 ? 0.86698 0.58563 0.66279 -0.01033 -0.03572 -0.11692 3 DT C "O4'" 
49  C "C3'" . DT A 3 ? 0.82318 0.51076 0.62391 -0.02238 -0.04200 -0.08864 3 DT C "C3'" 
50  O "O3'" . DT A 3 ? 0.86374 0.53996 0.67071 -0.02736 -0.02420 -0.08351 3 DT C "O3'" 
51  C "C2'" . DT A 3 ? 0.74923 0.46358 0.54676 -0.02079 -0.04354 -0.11018 3 DT C "C2'" 
52  C "C1'" . DT A 3 ? 0.72178 0.45760 0.52627 -0.01556 -0.03037 -0.12838 3 DT C "C1'" 
53  N N1    . DT A 3 ? 0.66044 0.42231 0.46490 -0.01311 -0.03336 -0.14761 3 DT C N1    
54  C C2    . DT A 3 ? 0.70651 0.49766 0.52664 -0.01360 -0.01870 -0.16967 3 DT C C2    
55  O O2    . DT A 3 ? 0.74718 0.54239 0.57813 -0.01035 -0.00924 -0.17323 3 DT C O2    
56  N N3    . DT A 3 ? 0.69856 0.50650 0.51415 -0.01615 -0.01921 -0.18342 3 DT C N3    
57  C C4    . DT A 3 ? 0.70641 0.50338 0.50383 -0.01144 -0.03720 -0.17605 3 DT C C4    
58  O O4    . DT A 3 ? 0.69538 0.50125 0.48562 -0.01025 -0.03956 -0.18560 3 DT C O4    
59  C C5    . DT A 3 ? 0.74706 0.51824 0.53429 -0.00557 -0.05642 -0.15493 3 DT C C5    
60  C C7    . DT A 3 ? 0.93073 0.69091 0.70451 0.00428  -0.08075 -0.14710 3 DT C C7    
61  C C6    . DT A 3 ? 0.70585 0.46039 0.49566 -0.00889 -0.05284 -0.14168 3 DT C C6    
62  P P     . DG A 4 ? 0.93313 0.58113 0.73757 -0.03707 -0.02816 -0.05974 4 DG C P     
63  O OP1   . DG A 4 ? 0.91689 0.57362 0.71563 -0.03855 -0.04972 -0.06145 4 DG C OP1   
64  O OP2   . DG A 4 ? 0.96040 0.61073 0.77419 -0.04080 -0.00343 -0.06168 4 DG C OP2   
65  O "O5'" . DG A 4 ? 0.88937 0.50842 0.69752 -0.03742 -0.03387 -0.02777 4 DG C "O5'" 
66  C "C5'" . DG A 4 ? 0.98979 0.60775 0.82487 -0.04379 -0.03223 0.00029  4 DG C "C5'" 
67  C "C4'" . DG A 4 ? 0.96645 0.58907 0.83359 -0.04030 -0.03106 0.03312  4 DG C "C4'" 
68  O "O4'" . DG A 4 ? 0.98441 0.61407 0.85769 -0.04297 -0.05551 0.04847  4 DG C "O4'" 
69  C "C3'" . DG A 4 ? 0.97044 0.58369 0.82535 -0.03212 -0.03023 0.03029  4 DG C "C3'" 
70  O "O3'" . DG A 4 ? 1.01985 0.64874 0.91926 -0.02785 -0.01386 0.06300  4 DG C "O3'" 
71  C "C2'" . DG A 4 ? 1.08074 0.69128 0.91825 -0.03215 -0.06304 0.02931  4 DG C "C2'" 
72  C "C1'" . DG A 4 ? 1.08767 0.71645 0.96053 -0.03762 -0.06554 0.05672  4 DG C "C1'" 
73  N N9    . DG A 4 ? 1.16804 0.79983 1.03254 -0.04137 -0.09904 0.06014  4 DG C N9    
74  C C8    . DG A 4 ? 1.21190 0.83137 1.03759 -0.04205 -0.13094 0.03918  4 DG C C8    
75  N N7    . DG A 4 ? 1.25036 0.87569 1.07977 -0.04641 -0.15898 0.04857  4 DG C N7    
76  C C5    . DG A 4 ? 1.17795 0.82267 1.05159 -0.04872 -0.14254 0.07581  4 DG C C5    
77  C C6    . DG A 4 ? 1.14177 0.79602 1.03485 -0.05647 -0.16482 0.09380  4 DG C C6    
78  O O6    . DG A 4 ? 1.21423 0.86522 1.09581 -0.06321 -0.19884 0.08840  4 DG C O6    
79  N N1    . DG A 4 ? 1.10161 0.76867 1.02976 -0.05671 -0.14568 0.11940  4 DG C N1    
80  C C2    . DG A 4 ? 1.14733 0.81501 1.08593 -0.04865 -0.10737 0.12659  4 DG C C2    
81  N N2    . DG A 4 ? 1.20700 0.88496 1.17279 -0.04855 -0.09473 0.15086  4 DG C N2    
82  N N3    . DG A 4 ? 1.11382 0.77221 1.03724 -0.04202 -0.08444 0.10979  4 DG C N3    
83  C C4    . DG A 4 ? 1.14239 0.79123 1.03565 -0.04341 -0.10477 0.08431  4 DG C C4    
84  P P     . DG A 5 ? 1.07155 0.69490 0.96921 -0.02017 0.00464  0.06494  5 DG C P     
85  O OP1   . DG A 5 ? 1.08188 0.69131 0.94548 -0.02191 0.02294  0.03625  5 DG C OP1   
86  O OP2   . DG A 5 ? 1.00014 0.60905 0.87272 -0.01216 -0.00468 0.05842  5 DG C OP2   
87  O "O5'" . DG A 5 ? 0.92703 0.58570 0.89136 -0.02163 0.00721  0.10897  5 DG C "O5'" 
88  C "C5'" . DG A 5 ? 0.86859 0.56236 0.87201 -0.02005 0.01563  0.12505  5 DG C "C5'" 
89  C "C4'" . DG A 5 ? 1.01213 0.66809 0.95418 -0.00866 0.03703  0.13486  5 DG C "C4'" 
90  O "O4'" . DG A 5 ? 1.01772 0.66662 0.96203 -0.01579 0.00411  0.14088  5 DG C "O4'" 
91  C "C3'" . DG A 5 ? 1.08067 0.72110 0.99028 0.00038  0.04557  0.13187  5 DG C "C3'" 
92  O "O3'" . DG A 5 ? 1.16891 0.79335 1.06163 -0.02486 -0.00188 0.15239  5 DG C "O3'" 
93  C "C2'" . DG A 5 ? 1.07643 0.72983 1.01804 0.00087  0.02087  0.14438  5 DG C "C2'" 
94  C "C1'" . DG A 5 ? 1.04125 0.68858 0.98099 -0.01146 -0.00593 0.14980  5 DG C "C1'" 
95  N N9    . DG A 5 ? 1.07524 0.72990 1.01214 -0.01799 -0.04186 0.13616  5 DG C N9    
96  C C8    . DG A 5 ? 1.14728 0.79509 1.06461 -0.01793 -0.05295 0.11047  5 DG C C8    
97  N N7    . DG A 5 ? 1.20763 0.85072 1.10490 -0.02370 -0.08843 0.09883  5 DG C N7    
98  C C5    . DG A 5 ? 1.13218 0.78711 1.05002 -0.02945 -0.10106 0.11961  5 DG C C5    
99  C C6    . DG A 5 ? 1.14636 0.80302 1.06089 -0.03874 -0.13843 0.11850  5 DG C C6    
100 O O6    . DG A 5 ? 1.18437 0.83131 1.07204 -0.04084 -0.16417 0.09827  5 DG C O6    
101 N N1    . DG A 5 ? 1.09052 0.76066 1.03582 -0.04637 -0.14601 0.14262  5 DG C N1    
102 C C2    . DG A 5 ? 1.08083 0.76079 1.05164 -0.04378 -0.12134 0.16403  5 DG C C2    
103 N N2    . DG A 5 ? 1.07829 0.77412 1.08012 -0.05323 -0.13687 0.18456  5 DG C N2    
104 N N3    . DG A 5 ? 1.12187 0.79523 1.08699 -0.03347 -0.08533 0.16406  5 DG C N3    
105 C C4    . DG A 5 ? 1.09769 0.75931 1.03892 -0.02702 -0.07606 0.14217  5 DG C C4    
106 P P     . DA A 6 ? 1.24070 0.86903 1.14724 -0.01812 0.00116  0.16872  6 DA C P     
107 O OP1   . DA A 6 ? 1.32658 0.98019 1.26757 -0.01231 0.02904  0.18145  6 DA C OP1   
108 O OP2   . DA A 6 ? 1.07570 0.71441 0.98928 -0.01631 -0.01805 0.15586  6 DA C OP2   
109 O "O5'" . DA A 6 ? 1.08827 0.71342 1.00326 -0.01222 0.00673  0.18952  6 DA C "O5'" 
110 C "C5'" . DA A 6 ? 0.96835 0.61546 0.91703 -0.01640 0.00486  0.20032  6 DA C "C5'" 
111 C "C4'" . DA A 6 ? 1.01472 0.68750 1.00359 -0.01732 -0.00960 0.22086  6 DA C "C4'" 
112 O "O4'" . DA A 6 ? 1.09487 0.76485 1.07752 -0.01823 -0.02845 0.21054  6 DA C "O4'" 
113 C "C3'" . DA A 6 ? 1.07749 0.75327 1.07235 -0.01143 -0.00417 0.23368  6 DA C "C3'" 
114 O "O3'" . DA A 6 ? 1.12168 0.83148 1.16981 -0.01553 -0.01269 0.26008  6 DA C "O3'" 
115 C "C2'" . DA A 6 ? 1.11997 0.77002 1.07742 -0.00525 -0.01188 0.21798  6 DA C "C2'" 
116 C "C1'" . DA A 6 ? 1.12308 0.79022 1.10291 -0.01326 -0.03383 0.21569  6 DA C "C1'" 
117 N N9    . DA A 6 ? 1.12068 0.77997 1.08250 -0.00985 -0.04578 0.19777  6 DA C N9    
118 C C8    . DA A 6 ? 1.09581 0.73949 1.03082 0.00212  -0.03000 0.18030  6 DA C C8    
119 N N7    . DA A 6 ? 1.04458 0.69433 0.97864 -0.00126 -0.05521 0.16660  6 DA C N7    
120 C C5    . DA A 6 ? 1.04716 0.70827 0.99791 -0.01502 -0.08638 0.17487  6 DA C C5    
121 C C6    . DA A 6 ? 1.05516 0.71801 1.00207 -0.02550 -0.12405 0.16494  6 DA C C6    
122 N N6    . DA A 6 ? 1.05423 0.70535 0.97257 -0.02296 -0.13832 0.14184  6 DA C N6    
123 N N1    . DA A 6 ? 1.10910 0.78426 1.08046 -0.03953 -0.14855 0.17809  6 DA C N1    
124 C C2    . DA A 6 ? 1.11953 0.80958 1.12205 -0.04289 -0.13768 0.20026  6 DA C C2    
125 N N3    . DA A 6 ? 1.08194 0.77259 1.08925 -0.03406 -0.10518 0.21022  6 DA C N3    
126 C C4    . DA A 6 ? 1.08041 0.75229 1.05620 -0.02011 -0.07989 0.19591  6 DA C C4    
127 O "O5'" . DC B 1 ? 0.66760 0.58771 0.47441 0.03146  -0.06802 -0.27633 1 DC A "O5'" 
128 C "C5'" . DC B 1 ? 0.66653 0.58388 0.46936 0.02135  -0.05680 -0.27918 1 DC A "C5'" 
129 C "C4'" . DC B 1 ? 0.63818 0.56136 0.44898 0.01156  -0.04098 -0.28263 1 DC A "C4'" 
130 O "O4'" . DC B 1 ? 0.61798 0.51000 0.41002 0.00025  -0.03196 -0.26959 1 DC A "O4'" 
131 C "C3'" . DC B 1 ? 0.66266 0.59023 0.48005 0.01350  -0.04053 -0.28213 1 DC A "C3'" 
132 O "O3'" . DC B 1 ? 0.60729 0.56193 0.44561 0.01118  -0.03160 -0.29517 1 DC A "O3'" 
133 C "C2'" . DC B 1 ? 0.73038 0.62232 0.52712 0.00450  -0.03456 -0.26502 1 DC A "C2'" 
134 C "C1'" . DC B 1 ? 0.65819 0.53482 0.44490 -0.00375 -0.02688 -0.26050 1 DC A "C1'" 
135 N N1    . DC B 1 ? 0.66273 0.50296 0.42546 -0.01052 -0.02779 -0.24323 1 DC A N1    
136 C C2    . DC B 1 ? 0.70362 0.51961 0.45468 -0.01528 -0.02009 -0.23278 1 DC A C2    
137 O O2    . DC B 1 ? 0.74194 0.57503 0.51018 -0.01340 -0.01212 -0.23959 1 DC A O2    
138 N N3    . DC B 1 ? 0.68363 0.47571 0.42231 -0.02260 -0.01996 -0.21508 1 DC A N3    
139 C C4    . DC B 1 ? 0.65528 0.45963 0.40241 -0.02915 -0.02410 -0.21599 1 DC A C4    
140 N N4    . DC B 1 ? 0.65210 0.46509 0.41677 -0.03615 -0.02257 -0.20881 1 DC A N4    
141 C C5    . DC B 1 ? 0.70527 0.52862 0.45974 -0.01749 -0.03801 -0.22731 1 DC A C5    
142 C C6    . DC B 1 ? 0.68750 0.52627 0.44789 -0.00929 -0.03820 -0.23908 1 DC A C6    
143 P P     . DG B 2 ? 0.69015 0.65217 0.53492 0.01486  -0.03258 -0.29800 2 DG A P     
144 O OP1   . DG B 2 ? 0.83297 0.83492 0.70499 0.01682  -0.03044 -0.31737 2 DG A OP1   
145 O OP2   . DG B 2 ? 0.67453 0.62010 0.50581 0.02371  -0.04528 -0.28850 2 DG A OP2   
146 O "O5'" . DG B 2 ? 0.63513 0.57450 0.46983 0.00392  -0.01882 -0.28831 2 DG A "O5'" 
147 C "C5'" . DG B 2 ? 0.65936 0.61072 0.50744 -0.00566 -0.00530 -0.29400 2 DG A "C5'" 
148 C "C4'" . DG B 2 ? 0.72314 0.65460 0.56347 -0.01197 0.00515  -0.28471 2 DG A "C4'" 
149 O "O4'" . DG B 2 ? 0.71889 0.61439 0.53521 -0.01174 0.00248  -0.26694 2 DG A "O4'" 
150 C "C3'" . DG B 2 ? 0.78145 0.70566 0.61504 -0.00734 0.00303  -0.28377 2 DG A "C3'" 
151 O "O3'" . DG B 2 ? 0.80137 0.72085 0.63812 -0.01427 0.01624  -0.28227 2 DG A "O3'" 
152 C "C2'" . DG B 2 ? 0.71542 0.60484 0.52165 -0.00220 -0.00614 -0.26709 2 DG A "C2'" 
153 C "C1'" . DG B 2 ? 0.74230 0.61221 0.53969 -0.00753 -0.00155 -0.25609 2 DG A "C1'" 
154 N N9    . DG B 2 ? 0.73301 0.57414 0.50757 -0.00675 -0.01025 -0.24231 2 DG A N9    
155 C C8    . DG B 2 ? 0.72778 0.57504 0.50179 -0.00438 -0.02072 -0.24365 2 DG A C8    
156 N N7    . DG B 2 ? 0.68619 0.51295 0.44697 -0.00952 -0.02363 -0.23153 2 DG A N7    
157 C C5    . DG B 2 ? 0.69151 0.49135 0.43843 -0.01494 -0.01482 -0.21908 2 DG A C5    
158 C C6    . DG B 2 ? 0.71920 0.50555 0.46474 -0.02428 -0.01052 -0.20150 2 DG A C6    
159 O O6    . DG B 2 ? 0.72728 0.53459 0.49280 -0.03067 -0.01375 -0.20416 2 DG A O6    
160 N N1    . DG B 2 ? 0.71977 0.48720 0.45979 -0.00864 -0.01655 -0.19059 2 DG A N1    
161 C C2    . DG B 2 ? 0.69807 0.48804 0.45709 -0.00212 -0.01092 -0.20738 2 DG A C2    
162 N N2    . DG B 2 ? 0.70157 0.50165 0.48046 -0.00186 -0.00359 -0.20886 2 DG A N2    
163 N N3    . DG B 2 ? 0.70862 0.51458 0.47101 -0.00606 -0.00412 -0.22305 2 DG A N3    
164 C C4    . DG B 2 ? 0.71172 0.52007 0.46688 -0.00879 -0.00972 -0.22672 2 DG A C4    
165 P P     . DA B 3 ? 0.79869 0.70794 0.62669 -0.01092 0.01828  -0.28225 3 DA A P     
166 O OP1   . DA B 3 ? 0.73279 0.67617 0.58352 -0.01371 0.02090  -0.30152 3 DA A OP1   
167 O OP2   . DA B 3 ? 0.70238 0.58352 0.50434 -0.00168 0.00810  -0.27096 3 DA A OP2   
168 O "O5'" . DA B 3 ? 0.76949 0.66330 0.59599 -0.01785 0.03215  -0.27290 3 DA A "O5'" 
169 C "C5'" . DA B 3 ? 0.76159 0.63754 0.58069 -0.01865 0.03220  -0.25876 3 DA A "C5'" 
170 C "C4'" . DA B 3 ? 0.76597 0.61972 0.57518 -0.01597 0.03711  -0.24641 3 DA A "C4'" 
171 O "O4'" . DA B 3 ? 0.73177 0.56118 0.52368 -0.00720 0.02499  -0.23198 3 DA A "O4'" 
172 C "C3'" . DA B 3 ? 0.80005 0.64424 0.59680 -0.00826 0.03549  -0.24849 3 DA A "C3'" 
173 O "O3'" . DA B 3 ? 0.82509 0.66001 0.62340 -0.00920 0.04582  -0.24107 3 DA A "O3'" 
174 C "C2'" . DA B 3 ? 0.78735 0.60745 0.55774 0.00301  0.01922  -0.24000 3 DA A "C2'" 
175 C "C1'" . DA B 3 ? 0.74621 0.55379 0.51487 0.00446  0.01462  -0.22712 3 DA A "C1'" 
176 N N9    . DA B 3 ? 0.74729 0.53746 0.49736 0.00551  0.00250  -0.21815 3 DA A N9    
177 C C8    . DA B 3 ? 0.82197 0.62037 0.56847 -0.00006 -0.00003 -0.22758 3 DA A C8    
178 N N7    . DA B 3 ? 0.77766 0.57271 0.52142 -0.00613 -0.00456 -0.22031 3 DA A N7    
179 C C5    . DA B 3 ? 0.74486 0.52006 0.48332 -0.00994 -0.00072 -0.20060 3 DA A C5    
180 C C6    . DA B 3 ? 0.73037 0.52284 0.49088 -0.02602 0.00556  -0.19660 3 DA A C6    
181 N N6    . DA B 3 ? 0.74200 0.55203 0.51205 -0.02007 -0.01084 -0.20633 3 DA A N6    
182 N N1    . DA B 3 ? 0.68147 0.51574 0.49676 -0.03356 0.01721  -0.19997 3 DA A N1    
183 C C2    . DA B 3 ? 0.70010 0.52129 0.51135 0.02349  -0.02698 -0.19715 3 DA A C2    
184 N N3    . DA B 3 ? 0.74806 0.53939 0.52168 0.01777  -0.01175 -0.19740 3 DA A N3    
185 C C4    . DA B 3 ? 0.73467 0.50895 0.47920 0.00761  -0.00552 -0.19983 3 DA A C4    
186 P P     . DC B 4 ? 0.96668 0.79295 0.75492 -0.00276 0.04977  -0.24408 4 DC A P     
187 O OP1   . DC B 4 ? 0.89711 0.74188 0.70276 -0.01658 0.06498  -0.25630 4 DC A OP1   
188 O OP2   . DC B 4 ? 0.95218 0.76299 0.71497 0.01102  0.03453  -0.24539 4 DC A OP2   
189 O "O5'" . DC B 4 ? 0.78925 0.60243 0.57886 -0.00076 0.05687  -0.22942 4 DC A "O5'" 
190 C "C5'" . DC B 4 ? 0.75170 0.56264 0.54929 -0.00519 0.05647  -0.21793 4 DC A "C5'" 
191 C "C4'" . DC B 4 ? 0.80916 0.60844 0.60396 0.00323  0.05220  -0.20640 4 DC A "C4'" 
192 O "O4'" . DC B 4 ? 0.83978 0.63919 0.63140 0.01402  0.02943  -0.20584 4 DC A "O4'" 
193 C "C3'" . DC B 4 ? 0.87549 0.67078 0.66198 0.01399  0.05180  -0.20962 4 DC A "C3'" 
194 O "O3'" . DC B 4 ? 0.91047 0.69393 0.70102 0.01092  0.06377  -0.19464 4 DC A "O3'" 
195 C "C2'" . DC B 4 ? 0.83257 0.63123 0.60872 0.03068  0.02585  -0.21611 4 DC A "C2'" 
196 C "C1'" . DC B 4 ? 0.83651 0.64048 0.62680 0.02742  0.01712  -0.20796 4 DC A "C1'" 
197 N N1    . DC B 4 ? 0.77425 0.58231 0.55936 0.03699  -0.00611 -0.20516 4 DC A N1    
198 C C2    . DC B 4 ? 0.70866 0.56454 0.55009 0.02192  -0.00377 -0.21251 4 DC A C2    
199 O O2    . DC B 4 ? 0.69799 0.52772 0.53018 0.01604  0.00408  -0.20041 4 DC A O2    
200 N N3    . DC B 4 ? 0.72262 0.55497 0.53389 -0.01974 0.02560  -0.20686 4 DC A N3    
201 C C4    . DC B 4 ? 0.76242 0.54957 0.51583 -0.01563 0.02035  -0.20241 4 DC A C4    
202 N N4    . DC B 4 ? 0.76004 0.56189 0.51737 -0.00901 0.00284  -0.21278 4 DC A N4    
203 C C5    . DC B 4 ? 0.79536 0.55682 0.51901 0.00128  0.01514  -0.20242 4 DC A C5    
204 C C6    . DC B 4 ? 0.79831 0.56172 0.52891 0.02759  0.00259  -0.20005 4 DC A C6    
205 P P     . DG B 5 ? 0.89056 0.66634 0.67388 0.01965  0.06857  -0.19246 5 DG A P     
206 O OP1   . DG B 5 ? 1.00671 0.76258 0.78671 0.01001  0.09514  -0.17756 5 DG A OP1   
207 O OP2   . DG B 5 ? 0.93580 0.72572 0.71277 0.03230  0.05442  -0.21185 5 DG A OP2   
208 O "O5'" . DG B 5 ? 0.77990 0.54993 0.56663 0.02315  0.05998  -0.18170 5 DG A "O5'" 
209 C "C5'" . DG B 5 ? 0.81005 0.57035 0.60196 0.01552  0.05997  -0.16800 5 DG A "C5'" 
210 C "C4'" . DG B 5 ? 0.85391 0.59742 0.64301 0.01852  0.05646  -0.15323 5 DG A "C4'" 
211 O "O4'" . DG B 5 ? 0.88326 0.64254 0.68017 0.02023  0.03560  -0.16350 5 DG A "O4'" 
212 C "C3'" . DG B 5 ? 0.91745 0.64738 0.69438 0.02672  0.06549  -0.14691 5 DG A "C3'" 
213 O "O3'" . DG B 5 ? 0.96735 0.67139 0.73923 0.02893  0.06768  -0.12546 5 DG A "O3'" 
214 C "C2'" . DG B 5 ? 0.85397 0.60751 0.63410 0.03235  0.04892  -0.16741 5 DG A "C2'" 
215 C "C1'" . DG B 5 ? 0.88449 0.64767 0.67541 0.02677  0.03267  -0.16981 5 DG A "C1'" 
216 N N9    . DG B 5 ? 0.84019 0.63447 0.64209 0.02357  0.02280  -0.19233 5 DG A N9    
217 C C8    . DG B 5 ? 0.82050 0.64311 0.63334 0.02353  0.02423  -0.20953 5 DG A C8    
218 N N7    . DG B 5 ? 0.77672 0.60823 0.58703 0.00910  0.02630  -0.21545 5 DG A N7    
219 C C5    . DG B 5 ? 0.76545 0.57557 0.55995 0.01042  0.01517  -0.20512 5 DG A C5    
220 C C6    . DG B 5 ? 0.81493 0.61608 0.59093 0.01127  0.00009  -0.20199 5 DG A C6    
221 O O6    . DG B 5 ? 0.82908 0.63327 0.59349 0.01155  -0.00507 -0.20952 5 DG A O6    
222 N N1    . DG B 5 ? 0.80994 0.59626 0.58256 0.01851  -0.01650 -0.18460 5 DG A N1    
223 C C2    . DG B 5 ? 0.78366 0.55346 0.55934 0.01999  -0.01422 -0.17017 5 DG A C2    
224 N N2    . DG B 5 ? 0.74876 0.49791 0.51471 0.02364  -0.03113 -0.15256 5 DG A N2    
225 N N3    . DG B 5 ? 0.76862 0.53808 0.55407 0.01964  0.00149  -0.17083 5 DG A N3    
226 C C4    . DG B 5 ? 0.77871 0.57177 0.57498 0.01774  0.01277  -0.19032 5 DG A C4    
227 P P     . DT C 1 ? 1.33937 0.89742 1.18257 -0.09840 -0.37686 0.07899  1 DT B P     
228 O OP1   . DT C 1 ? 1.28721 0.82844 1.10882 -0.09072 -0.37844 0.06564  1 DT B OP1   
229 O OP2   . DT C 1 ? 1.22614 0.79661 1.06356 -0.09094 -0.35900 0.06994  1 DT B OP2   
230 O "O5'" . DT C 1 ? 1.28118 0.86084 1.17477 -0.11545 -0.38721 0.11323  1 DT B "O5'" 
231 C "C5'" . DT C 1 ? 1.19021 0.79514 1.11772 -0.10726 -0.36016 0.14290  1 DT B "C5'" 
232 C "C4'" . DT C 1 ? 1.26497 0.89891 1.23250 -0.11134 -0.34637 0.16545  1 DT B "C4'" 
233 O "O4'" . DT C 1 ? 1.26685 0.91044 1.22941 -0.09384 -0.30958 0.16500  1 DT B "O4'" 
234 C "C3'" . DT C 1 ? 1.26410 0.89837 1.23511 -0.12649 -0.36956 0.15814  1 DT B "C3'" 
235 O "O3'" . DT C 1 ? 1.23263 0.89493 1.25246 -0.13489 -0.36625 0.18725  1 DT B "O3'" 
236 C "C2'" . DT C 1 ? 1.23436 0.86510 1.17713 -0.11358 -0.35007 0.13818  1 DT B "C2'" 
237 C "C1'" . DT C 1 ? 1.19627 0.84497 1.15729 -0.09759 -0.31036 0.15658  1 DT B "C1'" 
238 N N1    . DT C 1 ? 1.10859 0.75141 1.04090 -0.08101 -0.28460 0.13916  1 DT B N1    
239 C C2    . DT C 1 ? 1.08376 0.73970 1.03139 -0.06835 -0.24756 0.15398  1 DT B C2    
240 O O2    . DT C 1 ? 1.10813 0.78011 1.08997 -0.06884 -0.23394 0.18020  1 DT B O2    
241 N N3    . DT C 1 ? 1.05028 0.69819 0.97080 -0.05529 -0.22735 0.13619  1 DT B N3    
242 C C4    . DT C 1 ? 1.06956 0.70113 0.95107 -0.05318 -0.24115 0.10586  1 DT B C4    
243 O O4    . DT C 1 ? 1.09881 0.72604 0.96050 -0.04207 -0.22259 0.09172  1 DT B O4    
244 C C5    . DT C 1 ? 1.12957 0.74770 0.99430 -0.06514 -0.27918 0.09105  1 DT B C5    
245 C C7    . DT C 1 ? 1.24498 0.84308 1.06385 -0.06192 -0.29605 0.05686  1 DT B C7    
246 C C6    . DT C 1 ? 1.13644 0.75901 1.02668 -0.07881 -0.29858 0.10797  1 DT B C6    
247 P P     . DC C 2 ? 1.34549 1.01601 1.38179 -0.15049 -0.38708 0.18934  2 DC B P     
248 O OP1   . DC C 2 ? 1.47284 1.14081 1.52962 -0.17060 -0.42260 0.19951  2 DC B OP1   
249 O OP2   . DC C 2 ? 1.27317 0.92664 1.26981 -0.14656 -0.38891 0.16150  2 DC B OP2   
250 O "O5'" . DC C 2 ? 1.22637 0.93048 1.30738 -0.14522 -0.35886 0.21741  2 DC B "O5'" 
251 C "C5'" . DC C 2 ? 1.22346 0.93701 1.31099 -0.12772 -0.32120 0.22856  2 DC B "C5'" 
252 C "C4'" . DC C 2 ? 1.16567 0.89573 1.26747 -0.11871 -0.29164 0.23676  2 DC B "C4'" 
253 O "O4'" . DC C 2 ? 1.16831 0.88224 1.23014 -0.10232 -0.26671 0.21548  2 DC B "O4'" 
254 C "C3'" . DC C 2 ? 1.14983 0.88891 1.26546 -0.13083 -0.30897 0.23750  2 DC B "C3'" 
255 O "O3'" . DC C 2 ? 1.17499 0.93765 1.32465 -0.12601 -0.28502 0.25812  2 DC B "O3'" 
256 C "C2'" . DC C 2 ? 1.18654 0.90335 1.25407 -0.12435 -0.30704 0.20731  2 DC B "C2'" 
257 C "C1'" . DC C 2 ? 1.12737 0.84062 1.17964 -0.10453 -0.26815 0.20432  2 DC B "C1'" 
258 N N1    . DC C 2 ? 1.11263 0.80386 1.11686 -0.09492 -0.26240 0.17460  2 DC B N1    
259 C C2    . DC C 2 ? 1.07088 0.76037 1.06310 -0.07943 -0.22633 0.17017  2 DC B C2    
260 O O2    . DC C 2 ? 1.04236 0.74473 1.05948 -0.07348 -0.19964 0.18977  2 DC B O2    
261 N N3    . DC C 2 ? 1.03772 0.71045 0.99098 -0.07182 -0.22242 0.14410  2 DC B N3    
262 C C4    . DC C 2 ? 1.07071 0.72840 0.99462 -0.07784 -0.25309 0.12224  2 DC B C4    
263 N N4    . DC C 2 ? 1.01360 0.65713 0.89955 -0.06941 -0.24975 0.09664  2 DC B N4    
264 C C5    . DC C 2 ? 1.16646 0.82153 1.09793 -0.09304 -0.28906 0.12514  2 DC B C5    
265 C C6    . DC C 2 ? 1.13587 0.80814 1.10879 -0.10188 -0.29270 0.15179  2 DC B C6    
266 P P     . DC C 3 ? 1.29393 1.07427 1.47349 -0.13822 -0.30012 0.26929  3 DC B P     
267 O OP1   . DC C 3 ? 1.27533 1.07539 1.50030 -0.15372 -0.32509 0.29273  3 DC B OP1   
268 O OP2   . DC C 3 ? 1.18889 0.94947 1.33176 -0.14229 -0.31623 0.24485  3 DC B OP2   
269 O "O5'" . DC C 3 ? 1.17185 0.96849 1.36930 -0.12424 -0.26052 0.28237  3 DC B "O5'" 
270 C "C5'" . DC C 3 ? 1.11361 0.90277 1.29431 -0.10653 -0.22436 0.27982  3 DC B "C5'" 
271 C "C4'" . DC C 3 ? 1.05524 0.83838 1.21841 -0.09481 -0.19452 0.27135  3 DC B "C4'" 
272 O "O4'" . DC C 3 ? 1.09490 0.85019 1.20684 -0.08695 -0.18748 0.24300  3 DC B "O4'" 
273 C "C3'" . DC C 3 ? 1.04156 0.83543 1.22067 -0.10296 -0.20490 0.27519  3 DC B "C3'" 
274 O "O3'" . DC C 3 ? 1.07364 0.87328 1.25960 -0.09235 -0.17263 0.28196  3 DC B "O3'" 
275 C "C2'" . DC C 3 ? 1.10315 0.87241 1.23722 -0.10499 -0.21846 0.24715  3 DC B "C2'" 
276 C "C1'" . DC C 3 ? 1.12143 0.87120 1.21931 -0.08941 -0.18998 0.23095  3 DC B "C1'" 
277 N N1    . DC C 3 ? 1.12279 0.84964 1.17660 -0.08928 -0.20353 0.20259  3 DC B N1    
278 C C2    . DC C 3 ? 1.04770 0.75791 1.06751 -0.07741 -0.17869 0.18327  3 DC B C2    
279 O O2    . DC C 3 ? 0.97196 0.68232 0.99490 -0.06754 -0.14461 0.18890  3 DC B O2    
280 N N3    . DC C 3 ? 1.04539 0.73884 1.02911 -0.07784 -0.19422 0.15815  3 DC B N3    
281 C C4    . DC C 3 ? 1.08642 0.77531 1.06203 -0.08866 -0.23173 0.15093  3 DC B C4    
282 N N4    . DC C 3 ? 1.13689 0.80775 1.07278 -0.08758 -0.24683 0.12494  3 DC B N4    
283 C C5    . DC C 3 ? 1.06943 0.77093 1.07672 -0.10149 -0.25604 0.16947  3 DC B C5    
284 C C6    . DC C 3 ? 1.09766 0.81961 1.14521 -0.10157 -0.24122 0.19533  3 DC B C6    
285 P P     . DT C 4 ? 1.13686 0.95945 1.36068 -0.09836 -0.17608 0.29967  4 DT B P     
286 O OP1   . DT C 4 ? 1.12242 0.96951 1.38669 -0.09183 -0.15505 0.32403  4 DT B OP1   
287 O OP2   . DT C 4 ? 1.00019 0.82702 1.23425 -0.11568 -0.21733 0.29997  4 DT B OP2   
288 O "O5'" . DT C 4 ? 1.11029 0.91399 1.29995 -0.08950 -0.15235 0.28277  4 DT B "O5'" 
289 C "C5'" . DT C 4 ? 1.11592 0.90039 1.27347 -0.07527 -0.11820 0.27021  4 DT B "C5'" 
290 C "C4'" . DT C 4 ? 1.14535 0.90575 1.26243 -0.07220 -0.10783 0.24771  4 DT B "C4'" 
291 O "O4'" . DT C 4 ? 1.15702 0.89882 1.23973 -0.07418 -0.12344 0.22547  4 DT B "O4'" 
292 C "C3'" . DT C 4 ? 1.11841 0.88644 1.24818 -0.07998 -0.12057 0.25221  4 DT B "C3'" 
293 O "O3'" . DT C 4 ? 1.15245 0.90686 1.26254 -0.07260 -0.09213 0.24454  4 DT B "O3'" 
294 C "C2'" . DT C 4 ? 1.11287 0.86867 1.21876 -0.08891 -0.15111 0.23491  4 DT B "C2'" 
295 C "C1'" . DT C 4 ? 1.10960 0.84421 1.17757 -0.08020 -0.13675 0.21379  4 DT B "C1'" 
296 N N1    . DT C 4 ? 1.05249 0.77676 1.09708 -0.08681 -0.16702 0.19624  4 DT B N1    
297 C C2    . DT C 4 ? 1.07597 0.78079 1.08240 -0.08065 -0.15820 0.17223  4 DT B C2    
298 O O2    . DT C 4 ? 1.13142 0.82701 1.12477 -0.07107 -0.12589 0.16499  4 DT B O2    
299 N N3    . DT C 4 ? 1.10367 0.79945 1.08751 -0.08679 -0.18945 0.15615  4 DT B N3    
300 C C4    . DT C 4 ? 1.08743 0.78778 1.08049 -0.09914 -0.22737 0.16087  4 DT B C4    
301 O O4    . DT C 4 ? 1.08634 0.77326 1.05199 -0.10369 -0.25391 0.14351  4 DT B O4    
302 C C5    . DT C 4 ? 1.07391 0.79502 1.11076 -0.10679 -0.23428 0.18702  4 DT B C5    
303 C C7    . DT C 4 ? 1.18673 0.91361 1.24025 -0.12281 -0.27495 0.19440  4 DT B C7    
304 C C6    . DT C 4 ? 1.05190 0.78575 1.11339 -0.09983 -0.20436 0.20368  4 DT B C6    
305 P P     . DA C 5 ? 1.14714 0.91916 1.28913 -0.07211 -0.08112 0.26384  5 DA B P     
306 O OP1   . DA C 5 ? 1.13702 0.93654 1.32266 -0.06922 -0.07595 0.28741  5 DA B OP1   
307 O OP2   . DA C 5 ? 1.02389 0.80144 1.17518 -0.08256 -0.10781 0.26665  5 DA B OP2   
308 O "O5'" . DA C 5 ? 1.08422 0.83127 1.18956 -0.06302 -0.04540 0.24844  5 DA B "O5'" 
309 C "C5'" . DA C 5 ? 1.08611 0.81123 1.15924 -0.06489 -0.04086 0.23160  5 DA B "C5'" 
310 C "C4'" . DA C 5 ? 0.98176 0.67669 1.00745 -0.06070 -0.02400 0.20546  5 DA B "C4'" 
311 O "O4'" . DA C 5 ? 1.03010 0.72611 1.05089 -0.06361 -0.04728 0.19594  5 DA B "O4'" 
312 C "C3'" . DA C 5 ? 1.00324 0.67662 0.99939 -0.06181 -0.01041 0.18907  5 DA B "C3'" 
313 O "O3'" . DA C 5 ? 0.98362 0.63488 0.94647 -0.05793 0.00836  0.16691  5 DA B "O3'" 
314 C "C2'" . DA C 5 ? 1.04468 0.72901 1.05235 -0.06873 -0.04218 0.18936  5 DA B "C2'" 
315 C "C1'" . DA C 5 ? 1.02912 0.71850 1.03640 -0.06896 -0.06015 0.18382  5 DA B "C1'" 
316 N N9    . DA C 5 ? 1.07925 0.78283 1.10189 -0.07849 -0.10081 0.19022  5 DA B N9    
317 C C8    . DA C 5 ? 1.06744 0.79155 1.12494 -0.08573 -0.12221 0.21161  5 DA B C8    
318 N N7    . DA C 5 ? 1.06976 0.79904 1.13094 -0.09582 -0.15933 0.21088  5 DA B N7    
319 C C5    . DA C 5 ? 1.09519 0.80619 1.11926 -0.09375 -0.16274 0.18717  5 DA B C5    
320 C C6    . DA C 5 ? 1.09592 0.79909 1.09957 -0.10071 -0.19590 0.17316  5 DA B C6    
321 N N6    . DA C 5 ? 1.12331 0.83355 1.14072 -0.11296 -0.23286 0.18082  5 DA B N6    
322 N N1    . DA C 5 ? 1.11491 0.80141 1.08255 -0.09522 -0.19044 0.15011  5 DA B N1    
323 C C2    . DA C 5 ? 1.12716 0.80665 1.08441 -0.08522 -0.15431 0.14198  5 DA B C2    
324 N N3    . DA C 5 ? 1.10309 0.78604 1.07643 -0.07914 -0.12042 0.15278  5 DA B N3    
325 C C4    . DA C 5 ? 1.08728 0.78520 1.09135 -0.08313 -0.12688 0.17521  5 DA B C4    
# 
